data_6O0T
#
_entry.id   6O0T
#
_cell.length_a   94.240
_cell.length_b   154.080
_cell.length_c   120.995
_cell.angle_alpha   90.00
_cell.angle_beta   94.55
_cell.angle_gamma   90.00
#
_symmetry.space_group_name_H-M   'I 1 2 1'
#
_entity_poly.entity_id   1
_entity_poly.type   'polypeptide(L)'
_entity_poly.pdbx_seq_one_letter_code
;(MSE)HHHHHHSSGVDLGTENLYFQSNAVPSWKEAEVQTWLQQIGFSKYCESFREQQVDGDLLLR(MSE)TEEELQTDLG
(MSE)KSGITRKRFFRELTELKTFANYSTCDRSNLADWLGSLDPRFRQYTYG(MSE)VSCGLDRSLLHRVSEQQ(MSE)L
EDCGIHLGVHRARILTAARE(MSE)LHSPLPCTGGKPSGDT
;
_entity_poly.pdbx_strand_id   A,B,C,D,E,F,G,H
#
# COMPACT_ATOMS: atom_id res chain seq x y z
N SER A 22 40.50 8.33 27.12
CA SER A 22 39.82 9.59 26.87
C SER A 22 38.31 9.39 26.78
N ASN A 23 37.55 10.36 27.30
CA ASN A 23 36.11 10.21 27.45
C ASN A 23 35.31 11.14 26.56
N ALA A 24 35.93 12.14 25.93
CA ALA A 24 35.23 13.10 25.09
C ALA A 24 34.97 12.45 23.72
N VAL A 25 33.93 11.62 23.69
CA VAL A 25 33.54 10.86 22.50
C VAL A 25 33.29 11.76 21.30
N PRO A 26 32.61 12.91 21.42
CA PRO A 26 32.44 13.77 20.24
C PRO A 26 33.74 14.15 19.54
N SER A 27 34.85 14.20 20.26
CA SER A 27 36.14 14.54 19.67
C SER A 27 36.95 13.32 19.26
N TRP A 28 36.38 12.11 19.40
CA TRP A 28 37.10 10.89 19.10
C TRP A 28 37.41 10.79 17.60
N LYS A 29 38.62 10.37 17.29
CA LYS A 29 38.98 9.97 15.94
C LYS A 29 38.85 8.46 15.83
N GLU A 30 39.29 7.91 14.69
CA GLU A 30 39.11 6.47 14.46
C GLU A 30 39.86 5.63 15.48
N ALA A 31 41.04 6.10 15.92
CA ALA A 31 41.83 5.33 16.87
C ALA A 31 41.09 5.10 18.18
N GLU A 32 40.43 6.14 18.71
CA GLU A 32 39.70 5.98 19.96
C GLU A 32 38.51 5.05 19.82
N VAL A 33 37.87 5.03 18.66
CA VAL A 33 36.73 4.13 18.44
C VAL A 33 37.22 2.69 18.40
N GLN A 34 38.36 2.44 17.75
CA GLN A 34 38.91 1.09 17.71
C GLN A 34 39.23 0.58 19.12
N THR A 35 39.78 1.46 19.96
CA THR A 35 40.07 1.07 21.34
C THR A 35 38.79 0.74 22.10
N TRP A 36 37.73 1.52 21.89
CA TRP A 36 36.47 1.28 22.59
C TRP A 36 35.84 -0.03 22.16
N LEU A 37 35.93 -0.38 20.88
CA LEU A 37 35.39 -1.65 20.41
C LEU A 37 36.10 -2.82 21.09
N GLN A 38 37.39 -2.68 21.36
CA GLN A 38 38.13 -3.73 22.04
C GLN A 38 37.71 -3.84 23.50
N GLN A 39 37.41 -2.71 24.14
CA GLN A 39 37.03 -2.71 25.54
C GLN A 39 35.66 -3.33 25.78
N ILE A 40 34.81 -3.40 24.75
CA ILE A 40 33.48 -4.00 24.87
C ILE A 40 33.41 -5.36 24.22
N GLY A 41 34.54 -5.91 23.79
CA GLY A 41 34.55 -7.25 23.22
C GLY A 41 34.05 -7.35 21.79
N PHE A 42 34.07 -6.25 21.04
CA PHE A 42 33.61 -6.22 19.66
C PHE A 42 34.76 -6.14 18.66
N SER A 43 35.90 -6.76 18.99
CA SER A 43 37.03 -6.79 18.07
C SER A 43 36.66 -7.38 16.72
N LYS A 44 35.68 -8.28 16.69
CA LYS A 44 35.25 -8.89 15.42
C LYS A 44 34.85 -7.84 14.39
N TYR A 45 34.35 -6.69 14.84
CA TYR A 45 33.89 -5.64 13.95
C TYR A 45 34.85 -4.46 13.89
N CYS A 46 36.10 -4.66 14.31
CA CYS A 46 37.08 -3.58 14.29
C CYS A 46 37.37 -3.13 12.87
N GLU A 47 37.73 -4.06 11.99
CA GLU A 47 38.11 -3.69 10.63
C GLU A 47 36.96 -3.08 9.85
N SER A 48 35.73 -3.54 10.09
CA SER A 48 34.57 -2.93 9.46
C SER A 48 34.47 -1.47 9.84
N PHE A 49 34.60 -1.17 11.14
CA PHE A 49 34.59 0.22 11.60
C PHE A 49 35.80 1.00 11.07
N ARG A 50 36.86 0.30 10.64
CA ARG A 50 38.05 0.99 10.13
C ARG A 50 37.91 1.42 8.69
N GLU A 51 37.48 0.50 7.81
CA GLU A 51 37.31 0.87 6.41
C GLU A 51 36.18 1.87 6.24
N GLN A 52 35.17 1.81 7.09
CA GLN A 52 34.09 2.78 7.05
C GLN A 52 34.47 4.10 7.71
N GLN A 53 35.64 4.15 8.36
CA GLN A 53 36.18 5.38 8.95
C GLN A 53 35.20 5.99 9.94
N VAL A 54 34.77 5.18 10.90
CA VAL A 54 33.85 5.62 11.93
C VAL A 54 34.64 6.35 13.01
N ASP A 55 34.27 7.59 13.28
CA ASP A 55 34.83 8.36 14.38
C ASP A 55 33.76 8.57 15.45
N GLY A 56 34.06 9.46 16.40
CA GLY A 56 33.14 9.67 17.51
C GLY A 56 31.79 10.21 17.08
N ASP A 57 31.80 11.17 16.15
CA ASP A 57 30.53 11.76 15.69
C ASP A 57 29.64 10.71 15.04
N LEU A 58 30.22 9.84 14.21
CA LEU A 58 29.42 8.80 13.57
C LEU A 58 28.97 7.75 14.58
N LEU A 59 29.82 7.46 15.56
CA LEU A 59 29.46 6.47 16.58
C LEU A 59 28.27 6.94 17.41
N LEU A 60 28.24 8.23 17.77
CA LEU A 60 27.14 8.78 18.55
C LEU A 60 25.84 8.88 17.76
N ARG A 61 25.92 8.93 16.44
CA ARG A 61 24.73 9.02 15.59
C ARG A 61 24.39 7.70 14.94
N THR A 63 22.92 4.30 13.63
CA THR A 63 21.59 3.72 13.52
C THR A 63 21.71 2.21 13.31
N GLU A 64 20.61 1.51 13.59
CA GLU A 64 20.59 0.06 13.41
C GLU A 64 20.76 -0.33 11.96
N GLU A 65 20.23 0.48 11.05
CA GLU A 65 20.37 0.15 9.63
C GLU A 65 21.82 0.20 9.19
N GLU A 66 22.60 1.14 9.72
CA GLU A 66 24.01 1.22 9.40
C GLU A 66 24.77 0.04 9.98
N LEU A 67 24.44 -0.38 11.20
CA LEU A 67 25.07 -1.56 11.79
C LEU A 67 24.80 -2.79 10.92
N GLN A 68 23.54 -2.96 10.50
CA GLN A 68 23.17 -4.15 9.75
C GLN A 68 23.78 -4.14 8.35
N THR A 69 23.56 -3.06 7.60
CA THR A 69 23.92 -3.04 6.18
C THR A 69 25.40 -2.72 5.97
N ASP A 70 25.89 -1.63 6.57
CA ASP A 70 27.19 -1.10 6.21
C ASP A 70 28.33 -1.64 7.06
N LEU A 71 28.05 -2.14 8.26
CA LEU A 71 29.08 -2.67 9.14
C LEU A 71 29.03 -4.18 9.27
N GLY A 72 28.08 -4.84 8.61
CA GLY A 72 28.03 -6.29 8.57
C GLY A 72 27.54 -6.96 9.82
N LYS A 74 24.97 -8.65 11.34
CA LYS A 74 23.72 -9.26 10.89
C LYS A 74 22.78 -9.56 12.04
N SER A 75 23.31 -10.09 13.15
CA SER A 75 22.46 -10.55 14.24
C SER A 75 21.79 -9.38 14.93
N GLY A 76 20.47 -9.45 15.05
CA GLY A 76 19.73 -8.43 15.81
C GLY A 76 20.05 -8.47 17.30
N ILE A 77 20.38 -9.66 17.81
CA ILE A 77 20.77 -9.75 19.22
C ILE A 77 22.12 -9.10 19.45
N THR A 78 23.07 -9.30 18.53
CA THR A 78 24.36 -8.63 18.64
C THR A 78 24.20 -7.12 18.56
N ARG A 79 23.30 -6.64 17.70
CA ARG A 79 23.05 -5.21 17.61
C ARG A 79 22.46 -4.67 18.91
N LYS A 80 21.59 -5.46 19.55
CA LYS A 80 21.03 -5.03 20.82
C LYS A 80 22.10 -4.96 21.90
N ARG A 81 23.06 -5.88 21.87
CA ARG A 81 24.21 -5.80 22.77
C ARG A 81 25.04 -4.56 22.47
N PHE A 82 25.24 -4.24 21.19
CA PHE A 82 26.02 -3.06 20.82
C PHE A 82 25.39 -1.79 21.37
N PHE A 83 24.10 -1.60 21.12
CA PHE A 83 23.42 -0.40 21.61
C PHE A 83 23.35 -0.36 23.13
N ARG A 84 23.42 -1.52 23.79
CA ARG A 84 23.54 -1.53 25.24
C ARG A 84 24.84 -0.86 25.67
N GLU A 85 25.94 -1.17 24.99
CA GLU A 85 27.22 -0.54 25.32
C GLU A 85 27.26 0.91 24.86
N LEU A 86 26.69 1.20 23.68
CA LEU A 86 26.68 2.57 23.19
C LEU A 86 25.83 3.48 24.07
N THR A 87 24.71 2.97 24.59
CA THR A 87 23.87 3.79 25.46
C THR A 87 24.58 4.12 26.77
N GLU A 88 25.34 3.17 27.32
CA GLU A 88 26.13 3.48 28.51
C GLU A 88 27.22 4.50 28.19
N LEU A 89 27.85 4.37 27.02
CA LEU A 89 28.84 5.35 26.61
C LEU A 89 28.22 6.73 26.44
N LYS A 90 27.05 6.80 25.79
CA LYS A 90 26.38 8.08 25.62
C LYS A 90 25.94 8.68 26.94
N THR A 91 25.64 7.83 27.94
CA THR A 91 25.10 8.32 29.19
C THR A 91 26.16 9.03 30.01
N PHE A 92 27.39 8.52 29.99
CA PHE A 92 28.48 9.02 30.82
C PHE A 92 29.58 9.69 30.00
N ALA A 93 29.22 10.24 28.84
CA ALA A 93 30.21 10.84 27.96
C ALA A 93 30.52 12.27 28.37
N ASN A 94 31.68 12.75 27.88
CA ASN A 94 32.14 14.11 28.11
C ASN A 94 31.70 14.97 26.94
N TYR A 95 30.79 15.90 27.20
CA TYR A 95 30.22 16.76 26.16
C TYR A 95 30.72 18.20 26.25
N SER A 96 31.83 18.44 26.96
CA SER A 96 32.31 19.80 27.14
C SER A 96 32.62 20.48 25.82
N THR A 97 33.08 19.72 24.84
CA THR A 97 33.56 20.27 23.57
C THR A 97 32.45 20.65 22.59
N CYS A 98 31.17 20.39 22.92
CA CYS A 98 30.11 20.66 21.95
C CYS A 98 28.75 20.98 22.57
N ASP A 99 28.61 20.82 23.88
CA ASP A 99 27.35 21.04 24.58
C ASP A 99 27.46 22.38 25.29
N ARG A 100 27.08 23.44 24.58
CA ARG A 100 27.33 24.78 25.06
C ARG A 100 26.38 25.20 26.18
N SER A 101 25.15 24.70 26.17
CA SER A 101 24.17 25.04 27.21
C SER A 101 24.17 24.07 28.38
N ASN A 102 25.12 23.13 28.42
CA ASN A 102 25.10 22.02 29.37
C ASN A 102 23.74 21.34 29.37
N LEU A 103 23.32 20.93 28.17
CA LEU A 103 22.06 20.22 28.03
C LEU A 103 22.13 18.83 28.65
N ALA A 104 23.32 18.24 28.71
CA ALA A 104 23.47 16.90 29.27
C ALA A 104 23.07 16.86 30.73
N ASP A 105 23.51 17.84 31.51
CA ASP A 105 23.18 17.85 32.93
C ASP A 105 21.74 18.26 33.18
N TRP A 106 21.10 18.93 32.23
CA TRP A 106 19.66 19.18 32.33
C TRP A 106 18.86 17.91 32.12
N LEU A 107 19.21 17.14 31.08
CA LEU A 107 18.58 15.84 30.87
C LEU A 107 18.86 14.91 32.03
N GLY A 108 20.10 14.88 32.52
CA GLY A 108 20.46 13.97 33.58
C GLY A 108 19.73 14.26 34.88
N SER A 109 19.56 15.55 35.21
CA SER A 109 18.82 15.92 36.41
C SER A 109 17.36 15.51 36.33
N LEU A 110 16.81 15.38 35.12
CA LEU A 110 15.45 14.90 34.95
C LEU A 110 15.35 13.39 35.16
N ASP A 111 16.31 12.65 34.61
CA ASP A 111 16.44 11.22 34.76
C ASP A 111 17.80 10.82 34.22
N PRO A 112 18.59 10.04 34.96
CA PRO A 112 19.93 9.66 34.47
C PRO A 112 19.92 9.02 33.11
N ARG A 113 18.88 8.24 32.78
CA ARG A 113 18.84 7.57 31.48
C ARG A 113 18.66 8.55 30.33
N PHE A 114 18.22 9.78 30.62
CA PHE A 114 17.96 10.75 29.56
C PHE A 114 19.23 11.44 29.06
N ARG A 115 20.36 11.26 29.73
CA ARG A 115 21.59 11.91 29.29
C ARG A 115 22.12 11.34 27.97
N GLN A 116 21.68 10.13 27.59
CA GLN A 116 22.14 9.53 26.34
C GLN A 116 21.72 10.34 25.12
N TYR A 117 20.62 11.08 25.24
CA TYR A 117 20.05 11.84 24.13
C TYR A 117 20.76 13.18 23.90
N THR A 118 21.87 13.45 24.60
CA THR A 118 22.50 14.75 24.53
C THR A 118 23.00 15.06 23.13
N TYR A 119 23.83 14.19 22.56
CA TYR A 119 24.44 14.49 21.27
C TYR A 119 23.39 14.59 20.16
N GLY A 120 22.35 13.75 20.22
CA GLY A 120 21.29 13.83 19.22
C GLY A 120 20.58 15.16 19.20
N VAL A 122 22.01 18.07 20.53
CA VAL A 122 23.01 19.10 20.26
C VAL A 122 23.39 19.11 18.78
N SER A 123 23.31 17.95 18.10
CA SER A 123 23.70 17.89 16.70
C SER A 123 22.78 18.72 15.81
N CYS A 124 21.49 18.79 16.14
CA CYS A 124 20.56 19.63 15.40
C CYS A 124 20.33 20.99 16.05
N GLY A 125 21.26 21.41 16.91
CA GLY A 125 21.26 22.79 17.40
C GLY A 125 20.31 23.12 18.52
N LEU A 126 19.87 22.14 19.29
CA LEU A 126 19.02 22.47 20.41
C LEU A 126 19.86 22.86 21.62
N ASP A 127 19.25 23.63 22.51
CA ASP A 127 19.87 23.98 23.78
C ASP A 127 18.74 24.22 24.78
N ARG A 128 19.12 24.63 25.99
CA ARG A 128 18.12 24.88 27.02
C ARG A 128 17.13 25.95 26.58
N SER A 129 17.62 26.98 25.87
CA SER A 129 16.75 28.06 25.42
C SER A 129 15.66 27.58 24.47
N LEU A 130 15.94 26.54 23.69
CA LEU A 130 15.05 26.10 22.63
C LEU A 130 14.17 24.91 23.00
N LEU A 131 14.37 24.32 24.19
CA LEU A 131 13.71 23.06 24.51
C LEU A 131 12.19 23.19 24.52
N HIS A 132 11.67 24.34 24.96
CA HIS A 132 10.22 24.49 25.07
C HIS A 132 9.54 24.58 23.71
N ARG A 133 10.30 24.75 22.63
CA ARG A 133 9.74 24.83 21.28
C ARG A 133 9.86 23.52 20.52
N VAL A 134 10.36 22.47 21.16
CA VAL A 134 10.57 21.18 20.51
C VAL A 134 9.30 20.36 20.66
N SER A 135 8.85 19.76 19.57
CA SER A 135 7.70 18.88 19.57
C SER A 135 8.14 17.43 19.66
N GLU A 136 7.19 16.56 20.02
CA GLU A 136 7.52 15.15 20.19
C GLU A 136 7.86 14.50 18.86
N GLN A 137 7.24 14.95 17.77
CA GLN A 137 7.60 14.46 16.44
C GLN A 137 9.03 14.83 16.09
N GLN A 138 9.47 16.02 16.48
CA GLN A 138 10.84 16.45 16.20
C GLN A 138 11.85 15.60 16.96
N LEU A 140 11.62 12.50 17.73
CA LEU A 140 11.73 11.19 17.08
C LEU A 140 12.50 11.29 15.77
N GLU A 141 12.08 12.19 14.89
CA GLU A 141 12.66 12.24 13.55
C GLU A 141 14.05 12.86 13.56
N ASP A 142 14.28 13.87 14.40
CA ASP A 142 15.50 14.66 14.33
C ASP A 142 16.50 14.34 15.44
N CYS A 143 16.01 14.09 16.66
CA CYS A 143 16.91 13.85 17.79
C CYS A 143 17.17 12.37 18.07
N GLY A 144 16.31 11.48 17.58
CA GLY A 144 16.54 10.06 17.78
C GLY A 144 16.09 9.51 19.12
N ILE A 145 15.08 10.13 19.74
CA ILE A 145 14.51 9.62 20.98
C ILE A 145 13.38 8.68 20.60
N HIS A 146 13.67 7.38 20.59
CA HIS A 146 12.71 6.40 20.08
C HIS A 146 11.68 5.99 21.11
N LEU A 147 12.02 6.01 22.41
CA LEU A 147 11.08 5.60 23.44
C LEU A 147 10.03 6.70 23.64
N GLY A 148 8.76 6.34 23.46
CA GLY A 148 7.69 7.33 23.59
C GLY A 148 7.55 7.87 25.00
N VAL A 149 7.70 6.99 26.00
CA VAL A 149 7.61 7.45 27.40
C VAL A 149 8.67 8.48 27.69
N HIS A 150 9.86 8.32 27.10
CA HIS A 150 10.93 9.29 27.29
C HIS A 150 10.59 10.62 26.63
N ARG A 151 10.06 10.59 25.41
CA ARG A 151 9.67 11.82 24.74
C ARG A 151 8.60 12.56 25.53
N ALA A 152 7.65 11.83 26.12
CA ALA A 152 6.57 12.47 26.87
C ALA A 152 7.10 13.15 28.13
N ARG A 153 8.08 12.54 28.80
CA ARG A 153 8.59 13.11 30.03
C ARG A 153 9.46 14.34 29.74
N ILE A 154 10.25 14.28 28.67
CA ILE A 154 11.09 15.42 28.31
C ILE A 154 10.21 16.60 27.89
N LEU A 155 9.13 16.32 27.15
CA LEU A 155 8.21 17.39 26.76
C LEU A 155 7.59 18.08 27.98
N THR A 156 7.09 17.28 28.93
CA THR A 156 6.45 17.84 30.11
C THR A 156 7.41 18.71 30.90
N ALA A 157 8.64 18.23 31.10
CA ALA A 157 9.61 19.01 31.87
C ALA A 157 10.04 20.26 31.13
N ALA A 158 10.14 20.19 29.80
CA ALA A 158 10.54 21.37 29.03
C ALA A 158 9.48 22.46 29.04
N ARG A 159 8.21 22.10 29.17
CA ARG A 159 7.16 23.10 29.17
C ARG A 159 6.93 23.71 30.55
N GLU A 160 7.25 22.98 31.61
CA GLU A 160 7.02 23.49 32.96
C GLU A 160 8.09 24.48 33.41
N SER B 22 39.74 28.76 -3.24
CA SER B 22 38.53 29.44 -3.71
C SER B 22 37.33 29.06 -2.85
N ASN B 23 36.42 30.00 -2.68
CA ASN B 23 35.27 29.78 -1.81
C ASN B 23 33.94 29.97 -2.53
N ALA B 24 33.92 30.55 -3.73
CA ALA B 24 32.67 30.76 -4.47
C ALA B 24 32.30 29.43 -5.13
N VAL B 25 31.75 28.54 -4.30
CA VAL B 25 31.38 27.20 -4.77
C VAL B 25 30.44 27.22 -5.96
N PRO B 26 29.39 28.05 -6.01
CA PRO B 26 28.50 28.03 -7.19
C PRO B 26 29.20 28.20 -8.53
N SER B 27 30.36 28.86 -8.57
CA SER B 27 31.09 29.06 -9.82
C SER B 27 32.12 27.98 -10.08
N TRP B 28 32.21 26.97 -9.23
CA TRP B 28 33.21 25.92 -9.39
C TRP B 28 32.95 25.09 -10.64
N LYS B 29 34.02 24.81 -11.39
CA LYS B 29 33.98 23.82 -12.46
C LYS B 29 34.54 22.50 -11.92
N GLU B 30 34.76 21.54 -12.82
CA GLU B 30 35.16 20.20 -12.39
C GLU B 30 36.49 20.23 -11.63
N ALA B 31 37.43 21.07 -12.07
CA ALA B 31 38.75 21.11 -11.43
C ALA B 31 38.64 21.46 -9.95
N GLU B 32 37.84 22.47 -9.61
CA GLU B 32 37.71 22.87 -8.21
C GLU B 32 37.02 21.79 -7.39
N VAL B 33 36.08 21.06 -7.98
CA VAL B 33 35.42 19.97 -7.27
C VAL B 33 36.39 18.81 -7.05
N GLN B 34 37.20 18.50 -8.07
CA GLN B 34 38.18 17.43 -7.92
C GLN B 34 39.18 17.72 -6.81
N THR B 35 39.63 18.98 -6.71
CA THR B 35 40.57 19.35 -5.66
C THR B 35 39.93 19.23 -4.28
N TRP B 36 38.65 19.63 -4.16
CA TRP B 36 37.99 19.57 -2.86
C TRP B 36 37.83 18.13 -2.38
N LEU B 37 37.55 17.20 -3.30
CA LEU B 37 37.45 15.80 -2.93
C LEU B 37 38.78 15.28 -2.37
N GLN B 38 39.89 15.78 -2.91
CA GLN B 38 41.20 15.34 -2.44
C GLN B 38 41.51 15.86 -1.05
N GLN B 39 41.14 17.10 -0.76
CA GLN B 39 41.43 17.67 0.56
C GLN B 39 40.57 17.09 1.67
N ILE B 40 39.46 16.43 1.35
CA ILE B 40 38.61 15.83 2.36
C ILE B 40 38.80 14.32 2.42
N GLY B 41 39.79 13.79 1.72
CA GLY B 41 40.07 12.37 1.77
C GLY B 41 39.16 11.50 0.93
N PHE B 42 38.49 12.07 -0.07
CA PHE B 42 37.60 11.32 -0.93
C PHE B 42 38.18 11.09 -2.32
N SER B 43 39.51 10.94 -2.40
CA SER B 43 40.16 10.66 -3.68
C SER B 43 39.60 9.40 -4.33
N LYS B 44 39.13 8.45 -3.52
CA LYS B 44 38.58 7.21 -4.05
C LYS B 44 37.44 7.48 -5.04
N TYR B 45 36.71 8.58 -4.88
CA TYR B 45 35.57 8.90 -5.73
C TYR B 45 35.87 10.02 -6.73
N CYS B 46 37.15 10.32 -6.97
CA CYS B 46 37.49 11.40 -7.91
C CYS B 46 37.00 11.08 -9.31
N GLU B 47 37.33 9.88 -9.80
CA GLU B 47 37.03 9.49 -11.18
C GLU B 47 35.53 9.50 -11.43
N SER B 48 34.75 9.04 -10.45
CA SER B 48 33.30 9.05 -10.56
C SER B 48 32.77 10.47 -10.72
N PHE B 49 33.24 11.38 -9.87
CA PHE B 49 32.84 12.78 -10.00
C PHE B 49 33.32 13.38 -11.30
N ARG B 50 34.36 12.83 -11.91
CA ARG B 50 34.82 13.44 -13.15
C ARG B 50 34.07 12.90 -14.36
N GLU B 51 33.84 11.59 -14.42
CA GLU B 51 33.07 11.02 -15.53
C GLU B 51 31.63 11.51 -15.51
N GLN B 52 31.09 11.77 -14.32
CA GLN B 52 29.76 12.34 -14.18
C GLN B 52 29.74 13.85 -14.36
N GLN B 53 30.91 14.48 -14.47
CA GLN B 53 31.03 15.91 -14.73
C GLN B 53 30.33 16.73 -13.66
N VAL B 54 30.68 16.46 -12.40
CA VAL B 54 30.11 17.18 -11.27
C VAL B 54 30.86 18.49 -11.12
N ASP B 55 30.12 19.60 -11.17
CA ASP B 55 30.68 20.92 -10.92
C ASP B 55 30.10 21.49 -9.62
N GLY B 56 30.34 22.78 -9.39
CA GLY B 56 29.92 23.38 -8.13
C GLY B 56 28.42 23.39 -7.93
N ASP B 57 27.67 23.71 -8.98
CA ASP B 57 26.21 23.76 -8.86
C ASP B 57 25.63 22.39 -8.50
N LEU B 58 26.14 21.33 -9.13
CA LEU B 58 25.65 19.99 -8.84
C LEU B 58 26.07 19.53 -7.44
N LEU B 59 27.28 19.90 -7.03
CA LEU B 59 27.77 19.51 -5.70
C LEU B 59 26.90 20.11 -4.59
N LEU B 60 26.49 21.37 -4.74
CA LEU B 60 25.65 22.01 -3.73
C LEU B 60 24.25 21.43 -3.70
N ARG B 61 23.79 20.83 -4.79
CA ARG B 61 22.46 20.23 -4.88
C ARG B 61 22.50 18.70 -4.82
N THR B 63 22.17 14.93 -3.84
CA THR B 63 21.17 14.17 -3.09
C THR B 63 21.74 12.81 -2.71
N GLU B 64 21.10 12.18 -1.71
CA GLU B 64 21.54 10.85 -1.28
C GLU B 64 21.34 9.83 -2.39
N GLU B 65 20.30 9.98 -3.21
CA GLU B 65 20.07 9.01 -4.28
C GLU B 65 21.16 9.12 -5.35
N GLU B 66 21.61 10.34 -5.64
CA GLU B 66 22.65 10.52 -6.66
C GLU B 66 23.99 9.96 -6.20
N LEU B 67 24.34 10.15 -4.92
CA LEU B 67 25.57 9.57 -4.40
C LEU B 67 25.56 8.05 -4.53
N GLN B 68 24.46 7.41 -4.12
CA GLN B 68 24.40 5.96 -4.10
C GLN B 68 24.36 5.38 -5.52
N THR B 69 23.46 5.87 -6.36
CA THR B 69 23.23 5.25 -7.66
C THR B 69 24.26 5.66 -8.70
N ASP B 70 24.48 6.97 -8.85
CA ASP B 70 25.25 7.49 -9.98
C ASP B 70 26.73 7.67 -9.69
N LEU B 71 27.12 7.83 -8.42
CA LEU B 71 28.52 8.02 -8.06
C LEU B 71 29.13 6.83 -7.36
N GLY B 72 28.35 5.77 -7.12
CA GLY B 72 28.89 4.55 -6.56
C GLY B 72 29.20 4.57 -5.08
N LYS B 74 28.09 3.41 -2.07
CA LYS B 74 27.11 2.46 -1.53
C LYS B 74 26.92 2.61 -0.03
N SER B 75 28.02 2.81 0.70
CA SER B 75 27.94 2.83 2.16
C SER B 75 27.17 4.06 2.64
N GLY B 76 26.16 3.82 3.48
CA GLY B 76 25.45 4.93 4.09
C GLY B 76 26.29 5.72 5.07
N ILE B 77 27.27 5.05 5.71
CA ILE B 77 28.17 5.76 6.60
C ILE B 77 29.09 6.69 5.82
N THR B 78 29.59 6.21 4.68
CA THR B 78 30.42 7.07 3.82
C THR B 78 29.61 8.26 3.31
N ARG B 79 28.34 8.04 2.95
CA ARG B 79 27.49 9.15 2.53
C ARG B 79 27.29 10.14 3.68
N LYS B 80 27.14 9.62 4.90
CA LYS B 80 26.98 10.51 6.06
C LYS B 80 28.25 11.33 6.28
N ARG B 81 29.42 10.73 6.07
CA ARG B 81 30.66 11.50 6.13
C ARG B 81 30.71 12.55 5.02
N PHE B 82 30.27 12.19 3.81
CA PHE B 82 30.30 13.13 2.70
C PHE B 82 29.44 14.35 3.00
N PHE B 83 28.19 14.14 3.42
CA PHE B 83 27.32 15.25 3.74
C PHE B 83 27.80 16.04 4.95
N ARG B 84 28.58 15.41 5.84
CA ARG B 84 29.22 16.16 6.91
C ARG B 84 30.18 17.20 6.34
N GLU B 85 31.00 16.80 5.37
CA GLU B 85 31.93 17.74 4.75
C GLU B 85 31.21 18.72 3.83
N LEU B 86 30.20 18.26 3.09
CA LEU B 86 29.47 19.14 2.19
C LEU B 86 28.73 20.21 2.98
N THR B 87 28.19 19.86 4.16
CA THR B 87 27.54 20.85 5.00
C THR B 87 28.54 21.89 5.50
N GLU B 88 29.77 21.45 5.78
CA GLU B 88 30.81 22.39 6.20
C GLU B 88 31.16 23.34 5.05
N LEU B 89 31.24 22.82 3.83
CA LEU B 89 31.51 23.65 2.66
C LEU B 89 30.37 24.63 2.40
N LYS B 90 29.13 24.17 2.47
CA LYS B 90 27.98 25.05 2.23
C LYS B 90 27.92 26.17 3.26
N THR B 91 28.42 25.92 4.47
CA THR B 91 28.30 26.91 5.54
C THR B 91 29.21 28.11 5.30
N PHE B 92 30.40 27.87 4.76
CA PHE B 92 31.41 28.93 4.62
C PHE B 92 31.62 29.33 3.16
N ALA B 93 30.62 29.13 2.32
CA ALA B 93 30.73 29.45 0.91
C ALA B 93 30.38 30.92 0.64
N ASN B 94 30.86 31.42 -0.49
CA ASN B 94 30.57 32.77 -0.95
C ASN B 94 29.44 32.72 -1.97
N TYR B 95 28.29 33.30 -1.63
CA TYR B 95 27.10 33.25 -2.47
C TYR B 95 26.82 34.58 -3.16
N SER B 96 27.83 35.46 -3.25
CA SER B 96 27.61 36.80 -3.80
C SER B 96 27.11 36.76 -5.24
N THR B 97 27.50 35.74 -6.01
CA THR B 97 27.17 35.69 -7.43
C THR B 97 25.73 35.30 -7.71
N CYS B 98 24.93 34.99 -6.69
CA CYS B 98 23.59 34.50 -6.93
C CYS B 98 22.59 34.85 -5.82
N ASP B 99 23.09 35.39 -4.70
CA ASP B 99 22.25 35.73 -3.55
C ASP B 99 22.11 37.26 -3.49
N ARG B 100 21.06 37.78 -4.14
CA ARG B 100 20.92 39.22 -4.26
C ARG B 100 20.47 39.88 -2.97
N SER B 101 19.64 39.20 -2.18
CA SER B 101 19.08 39.75 -0.96
C SER B 101 19.92 39.46 0.28
N ASN B 102 21.12 38.91 0.11
CA ASN B 102 21.95 38.45 1.22
C ASN B 102 21.13 37.56 2.15
N LEU B 103 20.55 36.51 1.55
CA LEU B 103 19.79 35.54 2.31
C LEU B 103 20.70 34.72 3.23
N ALA B 104 21.97 34.57 2.86
CA ALA B 104 22.90 33.79 3.67
C ALA B 104 23.09 34.40 5.05
N ASP B 105 23.29 35.73 5.11
CA ASP B 105 23.50 36.38 6.39
C ASP B 105 22.21 36.53 7.19
N TRP B 106 21.04 36.42 6.53
CA TRP B 106 19.80 36.34 7.28
C TRP B 106 19.69 35.00 8.00
N LEU B 107 19.97 33.91 7.28
CA LEU B 107 20.02 32.60 7.90
C LEU B 107 21.13 32.54 8.96
N GLY B 108 22.29 33.12 8.65
CA GLY B 108 23.41 33.06 9.59
C GLY B 108 23.13 33.81 10.87
N SER B 109 22.47 34.97 10.79
CA SER B 109 22.13 35.71 11.99
C SER B 109 21.15 34.96 12.87
N LEU B 110 20.35 34.07 12.28
CA LEU B 110 19.44 33.25 13.07
C LEU B 110 20.17 32.10 13.75
N ASP B 111 21.08 31.45 13.04
CA ASP B 111 21.93 30.36 13.54
C ASP B 111 23.01 30.09 12.50
N PRO B 112 24.27 30.01 12.91
CA PRO B 112 25.36 29.85 11.92
C PRO B 112 25.20 28.66 10.99
N ARG B 113 24.77 27.50 11.47
CA ARG B 113 24.62 26.35 10.56
C ARG B 113 23.47 26.50 9.59
N PHE B 114 22.58 27.48 9.77
CA PHE B 114 21.48 27.63 8.81
C PHE B 114 21.98 28.20 7.49
N ARG B 115 23.23 28.65 7.43
CA ARG B 115 23.77 29.23 6.20
C ARG B 115 23.92 28.19 5.09
N GLN B 116 23.95 26.90 5.44
CA GLN B 116 24.09 25.85 4.44
C GLN B 116 22.88 25.81 3.50
N TYR B 117 21.72 26.22 3.97
CA TYR B 117 20.49 26.16 3.18
C TYR B 117 20.37 27.30 2.17
N THR B 118 21.40 28.14 2.05
CA THR B 118 21.31 29.32 1.19
C THR B 118 21.09 28.93 -0.27
N TYR B 119 21.96 28.07 -0.80
CA TYR B 119 21.87 27.72 -2.21
C TYR B 119 20.55 27.01 -2.52
N GLY B 120 20.06 26.19 -1.59
CA GLY B 120 18.79 25.51 -1.81
C GLY B 120 17.64 26.48 -2.00
N VAL B 122 17.89 29.82 -2.72
CA VAL B 122 18.14 30.71 -3.85
C VAL B 122 17.88 30.00 -5.17
N SER B 123 18.09 28.68 -5.22
CA SER B 123 17.89 27.94 -6.47
C SER B 123 16.43 27.90 -6.87
N CYS B 124 15.50 27.88 -5.92
CA CYS B 124 14.08 27.93 -6.22
C CYS B 124 13.51 29.34 -6.15
N GLY B 125 14.37 30.36 -6.25
CA GLY B 125 13.93 31.73 -6.44
C GLY B 125 13.45 32.45 -5.20
N LEU B 126 13.83 31.99 -4.02
CA LEU B 126 13.44 32.69 -2.79
C LEU B 126 14.43 33.79 -2.46
N ASP B 127 13.94 34.78 -1.70
CA ASP B 127 14.77 35.85 -1.17
C ASP B 127 14.13 36.35 0.11
N ARG B 128 14.71 37.41 0.69
CA ARG B 128 14.16 37.96 1.93
C ARG B 128 12.72 38.42 1.75
N SER B 129 12.41 39.01 0.60
CA SER B 129 11.06 39.52 0.36
C SER B 129 10.00 38.43 0.43
N LEU B 130 10.37 37.19 0.07
CA LEU B 130 9.40 36.11 -0.06
C LEU B 130 9.37 35.16 1.13
N LEU B 131 10.24 35.35 2.12
CA LEU B 131 10.39 34.37 3.18
C LEU B 131 9.10 34.17 3.98
N HIS B 132 8.31 35.24 4.15
CA HIS B 132 7.15 35.16 5.03
C HIS B 132 6.03 34.29 4.49
N ARG B 133 6.02 33.94 3.20
CA ARG B 133 4.99 33.07 2.67
C ARG B 133 5.47 31.63 2.44
N VAL B 134 6.65 31.28 2.92
CA VAL B 134 7.17 29.94 2.67
C VAL B 134 6.62 29.00 3.73
N SER B 135 6.12 27.85 3.29
CA SER B 135 5.56 26.84 4.18
C SER B 135 6.57 25.76 4.52
N GLU B 136 6.25 24.99 5.56
CA GLU B 136 7.18 23.95 6.03
C GLU B 136 7.35 22.84 5.00
N GLN B 137 6.29 22.51 4.26
CA GLN B 137 6.41 21.51 3.21
C GLN B 137 7.29 22.01 2.07
N GLN B 138 7.20 23.30 1.74
CA GLN B 138 8.03 23.86 0.68
C GLN B 138 9.50 23.85 1.08
N LEU B 140 10.83 21.64 2.93
CA LEU B 140 11.25 20.24 2.90
C LEU B 140 11.44 19.75 1.47
N GLU B 141 10.40 19.89 0.64
CA GLU B 141 10.44 19.32 -0.70
C GLU B 141 11.31 20.14 -1.65
N ASP B 142 11.30 21.47 -1.53
CA ASP B 142 11.90 22.34 -2.52
C ASP B 142 13.26 22.89 -2.08
N CYS B 143 13.43 23.22 -0.80
CA CYS B 143 14.68 23.81 -0.33
C CYS B 143 15.65 22.77 0.23
N GLY B 144 15.16 21.60 0.61
CA GLY B 144 16.04 20.56 1.11
C GLY B 144 16.41 20.69 2.57
N ILE B 145 15.56 21.32 3.38
CA ILE B 145 15.79 21.43 4.82
C ILE B 145 15.14 20.21 5.46
N HIS B 146 15.95 19.18 5.74
CA HIS B 146 15.40 17.91 6.20
C HIS B 146 15.14 17.89 7.70
N LEU B 147 15.91 18.63 8.49
CA LEU B 147 15.73 18.65 9.93
C LEU B 147 14.49 19.48 10.28
N GLY B 148 13.54 18.85 10.97
CA GLY B 148 12.30 19.54 11.32
C GLY B 148 12.52 20.69 12.27
N VAL B 149 13.43 20.52 13.24
CA VAL B 149 13.71 21.59 14.20
C VAL B 149 14.24 22.82 13.47
N HIS B 150 15.02 22.61 12.42
CA HIS B 150 15.54 23.74 11.63
C HIS B 150 14.41 24.44 10.89
N ARG B 151 13.51 23.66 10.26
CA ARG B 151 12.37 24.25 9.58
C ARG B 151 11.50 25.07 10.54
N ALA B 152 11.33 24.58 11.77
CA ALA B 152 10.47 25.27 12.73
C ALA B 152 11.04 26.63 13.12
N ARG B 153 12.36 26.73 13.28
CA ARG B 153 12.95 28.00 13.68
C ARG B 153 12.96 28.99 12.52
N ILE B 154 13.24 28.51 11.31
CA ILE B 154 13.24 29.39 10.14
C ILE B 154 11.83 29.88 9.84
N LEU B 155 10.83 29.01 10.02
CA LEU B 155 9.44 29.43 9.88
C LEU B 155 9.09 30.52 10.88
N THR B 156 9.48 30.32 12.15
CA THR B 156 9.20 31.30 13.19
C THR B 156 9.84 32.65 12.87
N ALA B 157 11.10 32.63 12.43
CA ALA B 157 11.79 33.87 12.11
C ALA B 157 11.17 34.57 10.92
N ALA B 158 10.66 33.81 9.94
CA ALA B 158 10.06 34.42 8.77
C ALA B 158 8.76 35.15 9.10
N ARG B 159 8.04 34.72 10.13
CA ARG B 159 6.77 35.36 10.47
C ARG B 159 6.96 36.58 11.37
N GLU B 160 8.05 36.64 12.12
CA GLU B 160 8.30 37.76 13.03
C GLU B 160 8.83 38.99 12.31
N ASN C 23 15.83 30.54 -32.86
CA ASN C 23 15.43 30.87 -31.50
C ASN C 23 14.00 30.41 -31.19
N ALA C 24 13.24 30.16 -32.24
CA ALA C 24 11.86 29.71 -32.10
C ALA C 24 11.85 28.20 -31.84
N VAL C 25 12.17 27.85 -30.60
CA VAL C 25 12.30 26.45 -30.18
C VAL C 25 11.04 25.66 -30.49
N PRO C 26 9.82 26.17 -30.22
CA PRO C 26 8.62 25.40 -30.61
C PRO C 26 8.59 25.01 -32.07
N SER C 27 9.23 25.80 -32.94
CA SER C 27 9.28 25.52 -34.38
C SER C 27 10.51 24.73 -34.80
N TRP C 28 11.35 24.32 -33.85
CA TRP C 28 12.57 23.61 -34.19
C TRP C 28 12.27 22.25 -34.81
N LYS C 29 13.02 21.92 -35.85
CA LYS C 29 13.02 20.57 -36.41
C LYS C 29 14.17 19.78 -35.80
N GLU C 30 14.37 18.56 -36.30
CA GLU C 30 15.39 17.69 -35.71
C GLU C 30 16.78 18.28 -35.85
N ALA C 31 17.05 18.96 -36.96
CA ALA C 31 18.37 19.53 -37.19
C ALA C 31 18.74 20.54 -36.11
N GLU C 32 17.81 21.41 -35.72
CA GLU C 32 18.12 22.40 -34.70
C GLU C 32 18.36 21.76 -33.34
N VAL C 33 17.68 20.65 -33.04
CA VAL C 33 17.94 19.95 -31.79
C VAL C 33 19.33 19.32 -31.82
N GLN C 34 19.71 18.74 -32.96
CA GLN C 34 21.04 18.15 -33.08
C GLN C 34 22.12 19.20 -32.91
N THR C 35 21.93 20.39 -33.49
CA THR C 35 22.90 21.46 -33.33
C THR C 35 22.98 21.92 -31.87
N TRP C 36 21.82 22.05 -31.21
CA TRP C 36 21.80 22.50 -29.82
C TRP C 36 22.47 21.51 -28.88
N LEU C 37 22.29 20.21 -29.13
CA LEU C 37 22.95 19.21 -28.28
C LEU C 37 24.47 19.34 -28.37
N GLN C 38 24.98 19.67 -29.55
CA GLN C 38 26.42 19.88 -29.70
C GLN C 38 26.87 21.17 -29.01
N GLN C 39 26.03 22.20 -29.06
CA GLN C 39 26.39 23.48 -28.47
C GLN C 39 26.41 23.45 -26.94
N ILE C 40 25.76 22.47 -26.32
CA ILE C 40 25.75 22.33 -24.87
C ILE C 40 26.63 21.17 -24.40
N GLY C 41 27.41 20.57 -25.30
CA GLY C 41 28.31 19.50 -24.93
C GLY C 41 27.68 18.14 -24.75
N PHE C 42 26.51 17.90 -25.35
CA PHE C 42 25.82 16.62 -25.27
C PHE C 42 25.89 15.86 -26.58
N SER C 43 27.00 16.01 -27.32
CA SER C 43 27.17 15.28 -28.57
C SER C 43 27.09 13.77 -28.37
N LYS C 44 27.45 13.29 -27.18
CA LYS C 44 27.40 11.86 -26.88
C LYS C 44 26.00 11.29 -27.12
N TYR C 45 24.96 12.11 -26.96
CA TYR C 45 23.57 11.67 -27.11
C TYR C 45 22.93 12.18 -28.39
N CYS C 46 23.73 12.62 -29.38
CA CYS C 46 23.16 13.17 -30.60
C CYS C 46 22.35 12.14 -31.37
N GLU C 47 22.96 10.99 -31.69
CA GLU C 47 22.26 10.01 -32.51
C GLU C 47 21.05 9.44 -31.79
N SER C 48 21.10 9.34 -30.46
CA SER C 48 19.93 8.89 -29.71
C SER C 48 18.75 9.82 -29.95
N PHE C 49 18.98 11.13 -29.86
CA PHE C 49 17.93 12.10 -30.17
C PHE C 49 17.51 12.06 -31.63
N ARG C 50 18.38 11.52 -32.51
CA ARG C 50 18.06 11.45 -33.93
C ARG C 50 17.20 10.24 -34.25
N GLU C 51 17.56 9.07 -33.72
CA GLU C 51 16.77 7.87 -33.95
C GLU C 51 15.37 8.01 -33.36
N GLN C 52 15.24 8.74 -32.25
CA GLN C 52 13.95 9.01 -31.64
C GLN C 52 13.22 10.17 -32.30
N GLN C 53 13.87 10.89 -33.22
CA GLN C 53 13.25 11.98 -33.99
C GLN C 53 12.72 13.07 -33.06
N VAL C 54 13.59 13.56 -32.18
CA VAL C 54 13.24 14.63 -31.25
C VAL C 54 13.31 15.97 -31.97
N ASP C 55 12.20 16.69 -31.99
CA ASP C 55 12.15 18.05 -32.50
C ASP C 55 11.88 19.01 -31.34
N GLY C 56 11.56 20.27 -31.69
CA GLY C 56 11.40 21.28 -30.66
C GLY C 56 10.26 20.98 -29.71
N ASP C 57 9.11 20.55 -30.24
CA ASP C 57 7.96 20.25 -29.40
C ASP C 57 8.26 19.14 -28.41
N LEU C 58 8.94 18.08 -28.86
CA LEU C 58 9.28 16.99 -27.96
C LEU C 58 10.36 17.41 -26.96
N LEU C 59 11.31 18.23 -27.40
CA LEU C 59 12.36 18.70 -26.50
C LEU C 59 11.80 19.55 -25.37
N LEU C 60 10.84 20.42 -25.68
CA LEU C 60 10.24 21.27 -24.66
C LEU C 60 9.37 20.48 -23.69
N ARG C 61 8.86 19.32 -24.09
CA ARG C 61 8.02 18.49 -23.24
C ARG C 61 8.76 17.29 -22.67
N THR C 63 10.49 14.61 -20.45
CA THR C 63 10.33 14.16 -19.08
C THR C 63 11.55 13.33 -18.68
N GLU C 64 11.72 13.19 -17.37
CA GLU C 64 12.86 12.43 -16.86
C GLU C 64 12.78 10.96 -17.26
N GLU C 65 11.57 10.40 -17.31
CA GLU C 65 11.43 8.99 -17.68
C GLU C 65 11.81 8.78 -19.14
N GLU C 66 11.51 9.74 -20.01
CA GLU C 66 11.89 9.60 -21.41
C GLU C 66 13.40 9.65 -21.59
N LEU C 67 14.08 10.52 -20.84
CA LEU C 67 15.53 10.59 -20.91
C LEU C 67 16.17 9.26 -20.50
N GLN C 68 15.72 8.69 -19.38
CA GLN C 68 16.35 7.48 -18.86
C GLN C 68 16.04 6.28 -19.74
N THR C 69 14.76 6.05 -20.04
CA THR C 69 14.35 4.82 -20.71
C THR C 69 14.58 4.88 -22.22
N ASP C 70 14.11 5.93 -22.87
CA ASP C 70 14.06 5.97 -24.33
C ASP C 70 15.29 6.58 -24.97
N LEU C 71 16.02 7.44 -24.25
CA LEU C 71 17.21 8.09 -24.80
C LEU C 71 18.51 7.60 -24.19
N GLY C 72 18.45 6.66 -23.24
CA GLY C 72 19.64 6.03 -22.71
C GLY C 72 20.44 6.87 -21.73
N LYS C 74 21.16 7.12 -18.55
CA LYS C 74 21.05 6.44 -17.26
C LYS C 74 21.38 7.34 -16.08
N SER C 75 22.45 8.13 -16.18
CA SER C 75 22.91 8.87 -15.02
C SER C 75 21.90 9.95 -14.65
N GLY C 76 21.45 9.94 -13.39
CA GLY C 76 20.59 10.99 -12.89
C GLY C 76 21.30 12.33 -12.80
N ILE C 77 22.62 12.32 -12.58
CA ILE C 77 23.39 13.55 -12.57
C ILE C 77 23.46 14.13 -13.98
N THR C 78 23.67 13.27 -14.98
CA THR C 78 23.66 13.75 -16.36
C THR C 78 22.28 14.31 -16.73
N ARG C 79 21.21 13.67 -16.25
CA ARG C 79 19.87 14.20 -16.49
C ARG C 79 19.69 15.57 -15.84
N LYS C 80 20.25 15.75 -14.64
CA LYS C 80 20.14 17.06 -13.99
C LYS C 80 20.91 18.13 -14.76
N ARG C 81 22.06 17.76 -15.34
CA ARG C 81 22.77 18.69 -16.21
C ARG C 81 21.94 19.02 -17.44
N PHE C 82 21.27 18.03 -18.01
CA PHE C 82 20.43 18.26 -19.18
C PHE C 82 19.29 19.22 -18.87
N PHE C 83 18.55 18.96 -17.79
CA PHE C 83 17.44 19.84 -17.43
C PHE C 83 17.93 21.23 -17.03
N ARG C 84 19.16 21.34 -16.55
CA ARG C 84 19.75 22.66 -16.32
C ARG C 84 19.87 23.43 -17.63
N GLU C 85 20.36 22.78 -18.68
CA GLU C 85 20.49 23.44 -19.97
C GLU C 85 19.13 23.62 -20.62
N LEU C 86 18.23 22.64 -20.47
CA LEU C 86 16.90 22.76 -21.05
C LEU C 86 16.11 23.89 -20.40
N THR C 87 16.30 24.09 -19.09
CA THR C 87 15.62 25.20 -18.41
C THR C 87 16.12 26.55 -18.92
N GLU C 88 17.43 26.65 -19.21
CA GLU C 88 17.95 27.87 -19.80
C GLU C 88 17.38 28.11 -21.19
N LEU C 89 17.25 27.03 -21.98
CA LEU C 89 16.66 27.16 -23.31
C LEU C 89 15.20 27.57 -23.23
N LYS C 90 14.43 26.96 -22.31
CA LYS C 90 13.03 27.32 -22.17
C LYS C 90 12.86 28.76 -21.71
N THR C 91 13.83 29.29 -20.94
CA THR C 91 13.67 30.62 -20.36
C THR C 91 13.79 31.71 -21.40
N PHE C 92 14.68 31.55 -22.37
CA PHE C 92 14.98 32.59 -23.35
C PHE C 92 14.52 32.23 -24.76
N ALA C 93 13.52 31.37 -24.87
CA ALA C 93 12.99 30.97 -26.17
C ALA C 93 11.95 31.99 -26.63
N ASN C 94 11.72 32.00 -27.94
CA ASN C 94 10.71 32.89 -28.53
C ASN C 94 9.44 32.07 -28.73
N TYR C 95 8.39 32.44 -28.00
CA TYR C 95 7.12 31.71 -28.02
C TYR C 95 6.06 32.47 -28.80
N SER C 96 6.46 33.42 -29.64
CA SER C 96 5.51 34.27 -30.35
C SER C 96 4.59 33.46 -31.26
N THR C 97 5.07 32.34 -31.79
CA THR C 97 4.31 31.57 -32.77
C THR C 97 3.20 30.73 -32.15
N CYS C 98 3.03 30.76 -30.83
CA CYS C 98 2.02 29.90 -30.21
C CYS C 98 1.47 30.52 -28.93
N ASP C 99 2.07 31.60 -28.46
CA ASP C 99 1.63 32.29 -27.24
C ASP C 99 0.96 33.60 -27.66
N ARG C 100 -0.35 33.54 -27.96
CA ARG C 100 -1.05 34.71 -28.45
C ARG C 100 -1.38 35.72 -27.36
N SER C 101 -1.58 35.25 -26.13
CA SER C 101 -1.93 36.14 -25.03
C SER C 101 -0.69 36.70 -24.33
N ASN C 102 0.50 36.45 -24.88
CA ASN C 102 1.78 36.80 -24.28
C ASN C 102 1.83 36.32 -22.83
N LEU C 103 1.61 35.02 -22.67
CA LEU C 103 1.72 34.40 -21.35
C LEU C 103 3.17 34.38 -20.87
N ALA C 104 4.12 34.36 -21.80
CA ALA C 104 5.54 34.33 -21.44
C ALA C 104 5.94 35.59 -20.67
N ASP C 105 5.53 36.76 -21.16
CA ASP C 105 5.91 38.01 -20.50
C ASP C 105 5.12 38.25 -19.23
N TRP C 106 3.97 37.59 -19.05
CA TRP C 106 3.29 37.66 -17.76
C TRP C 106 4.07 36.88 -16.72
N LEU C 107 4.50 35.67 -17.06
CA LEU C 107 5.37 34.91 -16.17
C LEU C 107 6.69 35.64 -15.91
N GLY C 108 7.27 36.24 -16.96
CA GLY C 108 8.55 36.90 -16.81
C GLY C 108 8.49 38.10 -15.88
N SER C 109 7.41 38.88 -15.95
CA SER C 109 7.28 40.02 -15.06
C SER C 109 7.15 39.59 -13.61
N LEU C 110 6.67 38.38 -13.36
CA LEU C 110 6.60 37.86 -11.99
C LEU C 110 7.97 37.41 -11.50
N ASP C 111 8.72 36.71 -12.37
CA ASP C 111 10.08 36.25 -12.09
C ASP C 111 10.67 35.76 -13.40
N PRO C 112 11.89 36.18 -13.76
CA PRO C 112 12.46 35.76 -15.06
C PRO C 112 12.51 34.26 -15.27
N ARG C 113 12.81 33.48 -14.22
CA ARG C 113 12.87 32.02 -14.35
C ARG C 113 11.50 31.38 -14.58
N PHE C 114 10.40 32.09 -14.36
CA PHE C 114 9.09 31.50 -14.58
C PHE C 114 8.72 31.40 -16.04
N ARG C 115 9.52 32.00 -16.93
CA ARG C 115 9.23 31.96 -18.36
C ARG C 115 9.38 30.55 -18.93
N GLN C 116 10.08 29.66 -18.23
CA GLN C 116 10.26 28.29 -18.72
C GLN C 116 8.94 27.53 -18.78
N TYR C 117 7.98 27.89 -17.94
CA TYR C 117 6.70 27.19 -17.89
C TYR C 117 5.75 27.60 -18.99
N THR C 118 6.19 28.45 -19.93
CA THR C 118 5.29 28.98 -20.95
C THR C 118 4.72 27.87 -21.83
N TYR C 119 5.59 27.05 -22.41
CA TYR C 119 5.14 26.03 -23.35
C TYR C 119 4.24 25.01 -22.68
N GLY C 120 4.52 24.66 -21.43
CA GLY C 120 3.67 23.73 -20.71
C GLY C 120 2.25 24.23 -20.55
N VAL C 122 0.83 26.73 -22.38
CA VAL C 122 0.23 26.96 -23.70
C VAL C 122 -0.19 25.65 -24.35
N SER C 123 0.52 24.55 -24.05
CA SER C 123 0.20 23.27 -24.67
C SER C 123 -1.16 22.73 -24.22
N CYS C 124 -1.55 22.99 -22.98
CA CYS C 124 -2.87 22.57 -22.49
C CYS C 124 -3.91 23.68 -22.62
N GLY C 125 -3.67 24.65 -23.50
CA GLY C 125 -4.68 25.62 -23.88
C GLY C 125 -4.91 26.77 -22.92
N LEU C 126 -3.95 27.07 -22.05
CA LEU C 126 -4.12 28.19 -21.14
C LEU C 126 -3.69 29.50 -21.79
N ASP C 127 -4.25 30.59 -21.26
CA ASP C 127 -3.83 31.94 -21.64
C ASP C 127 -4.11 32.85 -20.45
N ARG C 128 -3.88 34.15 -20.64
CA ARG C 128 -4.12 35.11 -19.56
C ARG C 128 -5.56 35.09 -19.10
N SER C 129 -6.50 34.92 -20.03
CA SER C 129 -7.92 34.90 -19.68
C SER C 129 -8.25 33.78 -18.71
N LEU C 130 -7.51 32.68 -18.75
CA LEU C 130 -7.83 31.48 -17.99
C LEU C 130 -7.06 31.35 -16.68
N LEU C 131 -6.11 32.26 -16.41
CA LEU C 131 -5.17 32.06 -15.30
C LEU C 131 -5.87 32.03 -13.94
N HIS C 132 -6.88 32.88 -13.76
CA HIS C 132 -7.54 32.98 -12.46
C HIS C 132 -8.37 31.75 -12.12
N ARG C 133 -8.60 30.88 -13.10
CA ARG C 133 -9.39 29.66 -12.95
C ARG C 133 -8.54 28.40 -12.82
N VAL C 134 -7.22 28.54 -12.75
CA VAL C 134 -6.32 27.40 -12.69
C VAL C 134 -6.05 27.03 -11.23
N SER C 135 -6.13 25.74 -10.92
CA SER C 135 -5.83 25.22 -9.59
C SER C 135 -4.39 24.72 -9.54
N GLU C 136 -3.89 24.55 -8.31
CA GLU C 136 -2.50 24.15 -8.14
C GLU C 136 -2.25 22.73 -8.64
N GLN C 137 -3.23 21.83 -8.49
CA GLN C 137 -3.07 20.48 -9.03
C GLN C 137 -3.03 20.49 -10.55
N GLN C 138 -3.77 21.40 -11.18
CA GLN C 138 -3.70 21.52 -12.63
C GLN C 138 -2.33 21.98 -13.08
N LEU C 140 0.46 21.28 -11.50
CA LEU C 140 1.39 20.19 -11.25
C LEU C 140 1.23 19.07 -12.29
N GLU C 141 0.01 18.56 -12.44
CA GLU C 141 -0.22 17.41 -13.32
C GLU C 141 -0.19 17.79 -14.79
N ASP C 142 -0.72 18.98 -15.14
CA ASP C 142 -0.93 19.33 -16.53
C ASP C 142 0.10 20.30 -17.09
N CYS C 143 0.55 21.27 -16.30
CA CYS C 143 1.49 22.27 -16.79
C CYS C 143 2.95 21.92 -16.52
N GLY C 144 3.21 21.03 -15.56
CA GLY C 144 4.58 20.62 -15.29
C GLY C 144 5.38 21.54 -14.40
N ILE C 145 4.73 22.30 -13.51
CA ILE C 145 5.42 23.13 -12.55
C ILE C 145 5.64 22.29 -11.30
N HIS C 146 6.84 21.70 -11.19
CA HIS C 146 7.10 20.74 -10.12
C HIS C 146 7.50 21.40 -8.81
N LEU C 147 8.15 22.56 -8.87
CA LEU C 147 8.56 23.25 -7.65
C LEU C 147 7.35 23.87 -6.97
N GLY C 148 7.13 23.49 -5.70
CA GLY C 148 5.96 23.98 -4.98
C GLY C 148 5.99 25.48 -4.76
N VAL C 149 7.16 26.03 -4.48
CA VAL C 149 7.28 27.47 -4.26
C VAL C 149 6.86 28.23 -5.52
N HIS C 150 7.17 27.69 -6.69
CA HIS C 150 6.77 28.33 -7.94
C HIS C 150 5.27 28.30 -8.12
N ARG C 151 4.63 27.16 -7.86
CA ARG C 151 3.17 27.08 -7.97
C ARG C 151 2.48 28.06 -7.03
N ALA C 152 3.01 28.22 -5.82
CA ALA C 152 2.39 29.14 -4.87
C ALA C 152 2.50 30.57 -5.35
N ARG C 153 3.62 30.92 -5.99
CA ARG C 153 3.81 32.29 -6.44
C ARG C 153 2.96 32.59 -7.67
N ILE C 154 2.84 31.63 -8.60
CA ILE C 154 2.00 31.84 -9.78
C ILE C 154 0.53 31.90 -9.40
N LEU C 155 0.11 31.05 -8.44
CA LEU C 155 -1.28 31.08 -7.98
C LEU C 155 -1.65 32.45 -7.40
N THR C 156 -0.81 32.97 -6.51
CA THR C 156 -1.09 34.26 -5.87
C THR C 156 -1.21 35.37 -6.91
N ALA C 157 -0.29 35.41 -7.88
CA ALA C 157 -0.33 36.46 -8.88
C ALA C 157 -1.53 36.32 -9.81
N ALA C 158 -1.95 35.09 -10.11
CA ALA C 158 -3.10 34.90 -10.99
C ALA C 158 -4.41 35.33 -10.35
N ARG C 159 -4.50 35.29 -9.01
CA ARG C 159 -5.73 35.64 -8.32
C ARG C 159 -5.87 37.13 -8.08
N GLU C 160 -4.77 37.87 -8.04
CA GLU C 160 -4.79 39.30 -7.76
C GLU C 160 -5.19 40.15 -8.96
N ASN D 23 -12.00 10.42 -45.12
CA ASN D 23 -11.99 11.49 -44.13
C ASN D 23 -12.87 11.16 -42.93
N ALA D 24 -13.81 10.24 -43.13
CA ALA D 24 -14.73 9.79 -42.07
C ALA D 24 -14.03 8.70 -41.26
N VAL D 25 -13.15 9.13 -40.35
CA VAL D 25 -12.35 8.21 -39.55
C VAL D 25 -13.20 7.18 -38.81
N PRO D 26 -14.32 7.55 -38.17
CA PRO D 26 -15.15 6.51 -37.54
C PRO D 26 -15.56 5.39 -38.48
N SER D 27 -15.68 5.66 -39.77
CA SER D 27 -16.08 4.66 -40.75
C SER D 27 -14.89 3.98 -41.43
N TRP D 28 -13.66 4.31 -41.02
CA TRP D 28 -12.48 3.74 -41.66
C TRP D 28 -12.36 2.25 -41.41
N LYS D 29 -12.02 1.50 -42.46
CA LYS D 29 -11.64 0.11 -42.34
C LYS D 29 -10.11 0.03 -42.27
N GLU D 30 -9.58 -1.20 -42.30
CA GLU D 30 -8.13 -1.39 -42.13
C GLU D 30 -7.33 -0.71 -43.23
N ALA D 31 -7.86 -0.70 -44.46
CA ALA D 31 -7.14 -0.10 -45.58
C ALA D 31 -6.86 1.38 -45.32
N GLU D 32 -7.86 2.12 -44.83
CA GLU D 32 -7.67 3.55 -44.58
C GLU D 32 -6.67 3.79 -43.45
N VAL D 33 -6.61 2.91 -42.46
CA VAL D 33 -5.64 3.06 -41.38
C VAL D 33 -4.23 2.83 -41.90
N GLN D 34 -4.06 1.81 -42.76
CA GLN D 34 -2.74 1.55 -43.34
C GLN D 34 -2.26 2.72 -44.17
N THR D 35 -3.15 3.34 -44.95
CA THR D 35 -2.78 4.50 -45.74
C THR D 35 -2.40 5.68 -44.84
N TRP D 36 -3.14 5.88 -43.76
CA TRP D 36 -2.85 6.99 -42.85
C TRP D 36 -1.50 6.82 -42.16
N LEU D 37 -1.15 5.59 -41.78
CA LEU D 37 0.15 5.35 -41.17
C LEU D 37 1.28 5.70 -42.11
N GLN D 38 1.10 5.45 -43.41
CA GLN D 38 2.14 5.77 -44.38
C GLN D 38 2.27 7.28 -44.58
N GLN D 39 1.13 8.00 -44.58
CA GLN D 39 1.17 9.44 -44.81
C GLN D 39 1.76 10.20 -43.63
N ILE D 40 1.85 9.59 -42.45
CA ILE D 40 2.41 10.23 -41.28
C ILE D 40 3.81 9.72 -40.97
N GLY D 41 4.39 8.91 -41.86
CA GLY D 41 5.74 8.41 -41.65
C GLY D 41 5.86 7.27 -40.66
N PHE D 42 4.77 6.56 -40.40
CA PHE D 42 4.78 5.42 -39.48
C PHE D 42 4.64 4.09 -40.21
N SER D 43 5.21 4.01 -41.43
CA SER D 43 5.17 2.77 -42.19
C SER D 43 5.80 1.62 -41.41
N LYS D 44 6.74 1.92 -40.52
CA LYS D 44 7.40 0.90 -39.70
C LYS D 44 6.39 0.05 -38.93
N TYR D 45 5.24 0.62 -38.57
CA TYR D 45 4.25 -0.06 -37.77
C TYR D 45 3.04 -0.51 -38.59
N CYS D 46 3.18 -0.59 -39.92
CA CYS D 46 2.08 -1.02 -40.77
C CYS D 46 1.67 -2.46 -40.46
N GLU D 47 2.65 -3.36 -40.43
CA GLU D 47 2.33 -4.78 -40.24
C GLU D 47 1.69 -5.03 -38.87
N SER D 48 2.13 -4.30 -37.84
CA SER D 48 1.53 -4.44 -36.51
C SER D 48 0.05 -4.04 -36.53
N PHE D 49 -0.25 -2.88 -37.10
CA PHE D 49 -1.63 -2.43 -37.19
C PHE D 49 -2.47 -3.36 -38.05
N ARG D 50 -1.84 -4.13 -38.94
CA ARG D 50 -2.59 -5.06 -39.77
C ARG D 50 -2.83 -6.38 -39.05
N GLU D 51 -1.80 -6.92 -38.38
CA GLU D 51 -1.97 -8.17 -37.65
C GLU D 51 -2.96 -8.01 -36.50
N GLN D 52 -3.02 -6.82 -35.89
CA GLN D 52 -3.98 -6.53 -34.84
C GLN D 52 -5.34 -6.09 -35.38
N GLN D 53 -5.46 -5.89 -36.70
CA GLN D 53 -6.72 -5.56 -37.35
C GLN D 53 -7.31 -4.25 -36.79
N VAL D 54 -6.50 -3.20 -36.79
CA VAL D 54 -6.93 -1.90 -36.30
C VAL D 54 -7.69 -1.19 -37.41
N ASP D 55 -8.94 -0.81 -37.11
CA ASP D 55 -9.74 0.01 -38.01
C ASP D 55 -9.96 1.38 -37.37
N GLY D 56 -10.89 2.15 -37.95
CA GLY D 56 -11.10 3.51 -37.49
C GLY D 56 -11.58 3.59 -36.06
N ASP D 57 -12.52 2.72 -35.68
CA ASP D 57 -13.04 2.74 -34.32
C ASP D 57 -11.95 2.45 -33.29
N LEU D 58 -11.09 1.47 -33.57
CA LEU D 58 -10.00 1.15 -32.65
C LEU D 58 -8.94 2.24 -32.64
N LEU D 59 -8.68 2.84 -33.80
CA LEU D 59 -7.68 3.90 -33.89
C LEU D 59 -8.08 5.11 -33.05
N LEU D 60 -9.36 5.47 -33.08
CA LEU D 60 -9.83 6.61 -32.29
C LEU D 60 -9.83 6.33 -30.80
N ARG D 61 -9.89 5.05 -30.40
CA ARG D 61 -9.89 4.67 -29.00
C ARG D 61 -8.54 4.13 -28.54
N THR D 63 -5.15 3.53 -26.81
CA THR D 63 -4.55 3.89 -25.54
C THR D 63 -3.06 3.65 -25.58
N GLU D 64 -2.34 4.27 -24.65
CA GLU D 64 -0.88 4.11 -24.62
C GLU D 64 -0.50 2.67 -24.31
N GLU D 65 -1.29 1.97 -23.49
CA GLU D 65 -0.98 0.59 -23.16
C GLU D 65 -1.11 -0.31 -24.38
N GLU D 66 -2.08 -0.04 -25.25
CA GLU D 66 -2.26 -0.85 -26.45
C GLU D 66 -1.12 -0.64 -27.43
N LEU D 67 -0.64 0.60 -27.58
CA LEU D 67 0.51 0.87 -28.43
C LEU D 67 1.74 0.13 -27.94
N GLN D 68 2.01 0.21 -26.63
CA GLN D 68 3.24 -0.37 -26.09
C GLN D 68 3.20 -1.89 -26.14
N THR D 69 2.14 -2.50 -25.60
CA THR D 69 2.11 -3.94 -25.43
C THR D 69 1.72 -4.65 -26.73
N ASP D 70 0.62 -4.23 -27.36
CA ASP D 70 0.02 -4.99 -28.43
C ASP D 70 0.54 -4.61 -29.82
N LEU D 71 1.05 -3.39 -29.99
CA LEU D 71 1.54 -2.94 -31.28
C LEU D 71 3.06 -2.80 -31.33
N GLY D 72 3.76 -3.05 -30.23
CA GLY D 72 5.21 -3.06 -30.24
C GLY D 72 5.88 -1.71 -30.27
N LYS D 74 7.69 0.47 -28.58
CA LYS D 74 8.40 0.43 -27.31
C LYS D 74 8.73 1.84 -26.80
N SER D 75 9.21 2.71 -27.68
CA SER D 75 9.67 4.03 -27.27
C SER D 75 8.50 4.90 -26.83
N GLY D 76 8.63 5.48 -25.63
CA GLY D 76 7.63 6.43 -25.18
C GLY D 76 7.62 7.70 -26.01
N ILE D 77 8.78 8.07 -26.57
CA ILE D 77 8.83 9.24 -27.45
C ILE D 77 8.13 8.95 -28.77
N THR D 78 8.31 7.75 -29.32
CA THR D 78 7.60 7.37 -30.54
C THR D 78 6.10 7.38 -30.31
N ARG D 79 5.66 6.91 -29.14
CA ARG D 79 4.23 6.96 -28.81
C ARG D 79 3.73 8.40 -28.71
N LYS D 80 4.55 9.29 -28.13
CA LYS D 80 4.14 10.69 -28.04
C LYS D 80 4.04 11.33 -29.43
N ARG D 81 4.94 10.95 -30.34
CA ARG D 81 4.80 11.40 -31.72
C ARG D 81 3.54 10.85 -32.35
N PHE D 82 3.23 9.58 -32.08
CA PHE D 82 2.01 8.98 -32.63
C PHE D 82 0.75 9.71 -32.16
N PHE D 83 0.65 9.92 -30.84
CA PHE D 83 -0.53 10.60 -30.31
C PHE D 83 -0.58 12.05 -30.79
N ARG D 84 0.57 12.63 -31.12
CA ARG D 84 0.57 13.96 -31.74
C ARG D 84 -0.15 13.93 -33.09
N GLU D 85 0.15 12.92 -33.91
CA GLU D 85 -0.51 12.81 -35.21
C GLU D 85 -1.96 12.35 -35.04
N LEU D 86 -2.21 11.46 -34.08
CA LEU D 86 -3.57 11.00 -33.84
C LEU D 86 -4.46 12.14 -33.37
N THR D 87 -3.91 13.05 -32.57
CA THR D 87 -4.66 14.23 -32.13
C THR D 87 -5.01 15.11 -33.32
N GLU D 88 -4.10 15.20 -34.29
CA GLU D 88 -4.40 15.93 -35.52
C GLU D 88 -5.52 15.27 -36.31
N LEU D 89 -5.50 13.94 -36.39
CA LEU D 89 -6.56 13.23 -37.10
C LEU D 89 -7.90 13.38 -36.37
N LYS D 90 -7.89 13.22 -35.05
CA LYS D 90 -9.13 13.35 -34.28
C LYS D 90 -9.71 14.75 -34.36
N THR D 91 -8.86 15.77 -34.52
CA THR D 91 -9.34 17.15 -34.49
C THR D 91 -10.09 17.51 -35.76
N PHE D 92 -9.65 17.00 -36.90
CA PHE D 92 -10.21 17.41 -38.19
C PHE D 92 -10.99 16.28 -38.87
N ALA D 93 -11.54 15.35 -38.10
CA ALA D 93 -12.31 14.26 -38.67
C ALA D 93 -13.76 14.68 -38.87
N ASN D 94 -14.44 13.95 -39.75
CA ASN D 94 -15.86 14.17 -40.02
C ASN D 94 -16.65 13.16 -39.18
N TYR D 95 -17.42 13.67 -38.22
CA TYR D 95 -18.15 12.85 -37.28
C TYR D 95 -19.65 12.80 -37.57
N SER D 96 -20.06 13.15 -38.79
CA SER D 96 -21.48 13.18 -39.12
C SER D 96 -22.13 11.81 -38.97
N THR D 97 -21.37 10.73 -39.18
CA THR D 97 -21.91 9.39 -39.21
C THR D 97 -22.23 8.83 -37.81
N CYS D 98 -21.94 9.56 -36.74
CA CYS D 98 -22.18 9.03 -35.41
C CYS D 98 -22.48 10.14 -34.40
N ASP D 99 -22.27 11.39 -34.78
CA ASP D 99 -22.53 12.54 -33.92
C ASP D 99 -23.72 13.32 -34.48
N ARG D 100 -24.93 12.93 -34.08
CA ARG D 100 -26.12 13.58 -34.61
C ARG D 100 -26.36 14.96 -34.00
N SER D 101 -25.91 15.19 -32.76
CA SER D 101 -26.11 16.47 -32.11
C SER D 101 -24.99 17.46 -32.45
N ASN D 102 -24.09 17.09 -33.36
CA ASN D 102 -22.91 17.87 -33.72
C ASN D 102 -22.16 18.32 -32.47
N LEU D 103 -21.81 17.34 -31.63
CA LEU D 103 -21.01 17.63 -30.44
C LEU D 103 -19.60 18.06 -30.81
N ALA D 104 -19.09 17.59 -31.95
CA ALA D 104 -17.74 17.92 -32.35
C ALA D 104 -17.55 19.42 -32.55
N ASP D 105 -18.49 20.05 -33.25
CA ASP D 105 -18.37 21.49 -33.50
C ASP D 105 -18.69 22.31 -32.25
N TRP D 106 -19.38 21.75 -31.28
CA TRP D 106 -19.54 22.43 -29.99
C TRP D 106 -18.23 22.45 -29.22
N LEU D 107 -17.57 21.29 -29.13
CA LEU D 107 -16.25 21.25 -28.51
C LEU D 107 -15.24 22.10 -29.28
N GLY D 108 -15.27 22.01 -30.62
CA GLY D 108 -14.30 22.75 -31.41
C GLY D 108 -14.45 24.25 -31.30
N SER D 109 -15.69 24.75 -31.27
CA SER D 109 -15.92 26.17 -31.11
C SER D 109 -15.47 26.67 -29.75
N LEU D 110 -15.41 25.79 -28.75
CA LEU D 110 -14.91 26.17 -27.44
C LEU D 110 -13.39 26.28 -27.43
N ASP D 111 -12.70 25.35 -28.08
CA ASP D 111 -11.25 25.33 -28.19
C ASP D 111 -10.86 24.29 -29.23
N PRO D 112 -9.97 24.61 -30.18
CA PRO D 112 -9.64 23.65 -31.25
C PRO D 112 -9.19 22.27 -30.78
N ARG D 113 -8.38 22.20 -29.71
CA ARG D 113 -7.90 20.91 -29.24
C ARG D 113 -9.01 20.06 -28.61
N PHE D 114 -10.15 20.65 -28.28
CA PHE D 114 -11.22 19.89 -27.63
C PHE D 114 -12.01 19.01 -28.59
N ARG D 115 -11.86 19.21 -29.90
CA ARG D 115 -12.63 18.42 -30.85
C ARG D 115 -12.20 16.97 -30.89
N GLN D 116 -10.99 16.66 -30.42
CA GLN D 116 -10.51 15.28 -30.42
C GLN D 116 -11.34 14.40 -29.49
N TYR D 117 -11.96 14.99 -28.46
CA TYR D 117 -12.72 14.26 -27.47
C TYR D 117 -14.11 13.87 -27.96
N THR D 118 -14.42 14.13 -29.23
CA THR D 118 -15.76 13.88 -29.73
C THR D 118 -16.12 12.40 -29.67
N TYR D 119 -15.26 11.55 -30.27
CA TYR D 119 -15.56 10.13 -30.33
C TYR D 119 -15.63 9.51 -28.95
N GLY D 120 -14.76 9.96 -28.04
CA GLY D 120 -14.78 9.44 -26.68
C GLY D 120 -16.09 9.72 -25.95
N VAL D 122 -19.09 10.60 -27.68
CA VAL D 122 -20.14 9.99 -28.48
C VAL D 122 -20.21 8.49 -28.24
N SER D 123 -19.08 7.86 -27.92
CA SER D 123 -19.07 6.41 -27.70
C SER D 123 -19.86 6.01 -26.46
N CYS D 124 -19.90 6.86 -25.44
CA CYS D 124 -20.69 6.60 -24.24
C CYS D 124 -22.07 7.26 -24.31
N GLY D 125 -22.54 7.59 -25.50
CA GLY D 125 -23.91 8.00 -25.70
C GLY D 125 -24.22 9.42 -25.29
N LEU D 126 -23.22 10.28 -25.20
CA LEU D 126 -23.44 11.67 -24.81
C LEU D 126 -23.82 12.52 -26.02
N ASP D 127 -24.50 13.62 -25.74
CA ASP D 127 -24.82 14.62 -26.75
C ASP D 127 -24.92 15.97 -26.05
N ARG D 128 -25.32 16.99 -26.81
CA ARG D 128 -25.47 18.33 -26.24
C ARG D 128 -26.50 18.32 -25.12
N SER D 129 -27.59 17.55 -25.29
CA SER D 129 -28.64 17.49 -24.29
C SER D 129 -28.13 16.96 -22.95
N LEU D 130 -27.11 16.09 -22.97
CA LEU D 130 -26.65 15.40 -21.78
C LEU D 130 -25.43 16.03 -21.13
N LEU D 131 -24.82 17.03 -21.78
CA LEU D 131 -23.53 17.53 -21.30
C LEU D 131 -23.62 18.14 -19.91
N HIS D 132 -24.73 18.81 -19.61
CA HIS D 132 -24.82 19.49 -18.32
C HIS D 132 -24.93 18.52 -17.15
N ARG D 133 -25.17 17.24 -17.41
CA ARG D 133 -25.26 16.23 -16.37
C ARG D 133 -23.98 15.42 -16.22
N VAL D 134 -22.93 15.76 -16.97
CA VAL D 134 -21.67 15.02 -16.94
C VAL D 134 -20.78 15.61 -15.85
N SER D 135 -20.19 14.75 -15.03
CA SER D 135 -19.27 15.15 -13.98
C SER D 135 -17.83 15.05 -14.46
N GLU D 136 -16.93 15.68 -13.72
CA GLU D 136 -15.52 15.71 -14.12
C GLU D 136 -14.90 14.32 -14.03
N GLN D 137 -15.32 13.51 -13.06
CA GLN D 137 -14.82 12.14 -12.98
C GLN D 137 -15.26 11.31 -14.18
N GLN D 138 -16.48 11.55 -14.67
CA GLN D 138 -16.97 10.81 -15.83
C GLN D 138 -16.17 11.13 -17.08
N LEU D 140 -13.04 11.81 -17.17
CA LEU D 140 -11.75 11.15 -17.04
C LEU D 140 -11.87 9.65 -17.26
N GLU D 141 -12.75 8.99 -16.52
CA GLU D 141 -12.83 7.53 -16.56
C GLU D 141 -13.51 7.03 -17.85
N ASP D 142 -14.52 7.74 -18.31
CA ASP D 142 -15.37 7.23 -19.39
C ASP D 142 -15.08 7.85 -20.75
N CYS D 143 -14.79 9.16 -20.80
CA CYS D 143 -14.57 9.84 -22.07
C CYS D 143 -13.10 9.93 -22.46
N GLY D 144 -12.18 9.77 -21.51
CA GLY D 144 -10.76 9.80 -21.85
C GLY D 144 -10.16 11.18 -21.97
N ILE D 145 -10.71 12.17 -21.27
CA ILE D 145 -10.13 13.51 -21.24
C ILE D 145 -9.14 13.52 -20.08
N HIS D 146 -7.87 13.33 -20.38
CA HIS D 146 -6.87 13.13 -19.34
C HIS D 146 -6.37 14.46 -18.78
N LEU D 147 -6.35 15.52 -19.58
CA LEU D 147 -5.90 16.82 -19.09
C LEU D 147 -6.96 17.44 -18.19
N GLY D 148 -6.57 17.75 -16.94
CA GLY D 148 -7.52 18.31 -16.00
C GLY D 148 -8.04 19.67 -16.40
N VAL D 149 -7.18 20.52 -16.96
CA VAL D 149 -7.60 21.85 -17.39
C VAL D 149 -8.68 21.74 -18.46
N HIS D 150 -8.59 20.73 -19.33
CA HIS D 150 -9.60 20.53 -20.35
C HIS D 150 -10.94 20.14 -19.72
N ARG D 151 -10.91 19.22 -18.76
CA ARG D 151 -12.15 18.82 -18.07
C ARG D 151 -12.80 20.01 -17.38
N ALA D 152 -11.99 20.87 -16.75
CA ALA D 152 -12.55 22.01 -16.04
C ALA D 152 -13.20 23.00 -16.99
N ARG D 153 -12.62 23.18 -18.18
CA ARG D 153 -13.15 24.15 -19.13
C ARG D 153 -14.43 23.65 -19.78
N ILE D 154 -14.49 22.36 -20.10
CA ILE D 154 -15.69 21.78 -20.71
C ILE D 154 -16.84 21.75 -19.70
N LEU D 155 -16.54 21.41 -18.45
CA LEU D 155 -17.57 21.40 -17.41
C LEU D 155 -18.20 22.77 -17.24
N THR D 156 -17.37 23.81 -17.11
CA THR D 156 -17.90 25.16 -16.95
C THR D 156 -18.74 25.57 -18.14
N ALA D 157 -18.24 25.31 -19.35
CA ALA D 157 -18.99 25.69 -20.54
C ALA D 157 -20.28 24.91 -20.67
N ALA D 158 -20.30 23.65 -20.22
CA ALA D 158 -21.52 22.86 -20.28
C ALA D 158 -22.58 23.37 -19.31
N ARG D 159 -22.17 24.05 -18.24
CA ARG D 159 -23.13 24.54 -17.25
C ARG D 159 -23.76 25.86 -17.67
N GLU D 160 -23.11 26.63 -18.54
CA GLU D 160 -23.62 27.92 -18.97
C GLU D 160 -24.71 27.82 -20.01
N SER E 22 -30.48 -19.07 -33.88
CA SER E 22 -31.22 -18.73 -32.66
C SER E 22 -30.58 -17.52 -31.97
N ASN E 23 -31.44 -16.57 -31.60
CA ASN E 23 -31.00 -15.31 -30.98
C ASN E 23 -31.05 -15.36 -29.46
N ALA E 24 -31.68 -16.37 -28.87
CA ALA E 24 -31.83 -16.45 -27.41
C ALA E 24 -30.51 -16.90 -26.80
N VAL E 25 -29.60 -15.94 -26.68
CA VAL E 25 -28.26 -16.23 -26.14
C VAL E 25 -28.32 -16.86 -24.76
N PRO E 26 -29.17 -16.41 -23.81
CA PRO E 26 -29.21 -17.07 -22.49
C PRO E 26 -29.43 -18.57 -22.56
N SER E 27 -30.12 -19.06 -23.59
CA SER E 27 -30.37 -20.49 -23.76
C SER E 27 -29.34 -21.16 -24.66
N TRP E 28 -28.30 -20.44 -25.08
CA TRP E 28 -27.31 -21.00 -25.99
C TRP E 28 -26.51 -22.12 -25.30
N LYS E 29 -26.28 -23.19 -26.05
CA LYS E 29 -25.38 -24.23 -25.63
C LYS E 29 -24.00 -23.95 -26.24
N GLU E 30 -23.07 -24.90 -26.04
CA GLU E 30 -21.71 -24.70 -26.53
C GLU E 30 -21.70 -24.62 -28.06
N ALA E 31 -22.56 -25.41 -28.71
CA ALA E 31 -22.61 -25.42 -30.16
C ALA E 31 -22.97 -24.05 -30.72
N GLU E 32 -23.96 -23.38 -30.12
CA GLU E 32 -24.37 -22.07 -30.61
C GLU E 32 -23.28 -21.02 -30.41
N VAL E 33 -22.50 -21.13 -29.34
CA VAL E 33 -21.40 -20.20 -29.13
C VAL E 33 -20.30 -20.41 -30.17
N GLN E 34 -20.01 -21.67 -30.49
CA GLN E 34 -19.00 -21.96 -31.51
C GLN E 34 -19.41 -21.39 -32.86
N THR E 35 -20.70 -21.50 -33.21
CA THR E 35 -21.18 -20.94 -34.47
C THR E 35 -21.02 -19.42 -34.49
N TRP E 36 -21.30 -18.77 -33.36
CA TRP E 36 -21.19 -17.31 -33.29
C TRP E 36 -19.75 -16.85 -33.45
N LEU E 37 -18.79 -17.59 -32.88
CA LEU E 37 -17.39 -17.23 -33.02
C LEU E 37 -16.95 -17.25 -34.49
N GLN E 38 -17.50 -18.18 -35.27
CA GLN E 38 -17.14 -18.25 -36.68
C GLN E 38 -17.73 -17.09 -37.47
N GLN E 39 -18.95 -16.65 -37.12
CA GLN E 39 -19.58 -15.57 -37.85
C GLN E 39 -18.93 -14.21 -37.59
N ILE E 40 -18.15 -14.08 -36.51
CA ILE E 40 -17.47 -12.83 -36.20
C ILE E 40 -15.99 -12.91 -36.50
N GLY E 41 -15.53 -13.98 -37.16
CA GLY E 41 -14.14 -14.10 -37.54
C GLY E 41 -13.21 -14.50 -36.43
N PHE E 42 -13.73 -15.11 -35.36
CA PHE E 42 -12.91 -15.52 -34.22
C PHE E 42 -12.74 -17.04 -34.17
N SER E 43 -12.65 -17.68 -35.34
CA SER E 43 -12.41 -19.12 -35.41
C SER E 43 -11.13 -19.51 -34.68
N LYS E 44 -10.17 -18.58 -34.61
CA LYS E 44 -8.90 -18.83 -33.92
C LYS E 44 -9.11 -19.28 -32.47
N TYR E 45 -10.18 -18.82 -31.83
CA TYR E 45 -10.43 -19.10 -30.43
C TYR E 45 -11.56 -20.12 -30.23
N CYS E 46 -11.91 -20.87 -31.27
CA CYS E 46 -12.96 -21.88 -31.15
C CYS E 46 -12.55 -22.96 -30.15
N GLU E 47 -11.33 -23.49 -30.30
CA GLU E 47 -10.88 -24.59 -29.46
C GLU E 47 -10.78 -24.19 -27.99
N SER E 48 -10.35 -22.96 -27.73
CA SER E 48 -10.31 -22.46 -26.36
C SER E 48 -11.69 -22.39 -25.75
N PHE E 49 -12.65 -21.81 -26.50
CA PHE E 49 -14.02 -21.72 -26.01
C PHE E 49 -14.68 -23.09 -25.83
N ARG E 50 -14.20 -24.13 -26.53
CA ARG E 50 -14.81 -25.45 -26.37
C ARG E 50 -14.22 -26.19 -25.17
N GLU E 51 -12.90 -26.15 -25.02
CA GLU E 51 -12.27 -26.83 -23.90
C GLU E 51 -12.71 -26.21 -22.58
N GLN E 52 -13.01 -24.92 -22.56
CA GLN E 52 -13.55 -24.25 -21.38
C GLN E 52 -15.05 -24.42 -21.24
N GLN E 53 -15.71 -24.99 -22.25
CA GLN E 53 -17.16 -25.27 -22.20
C GLN E 53 -17.96 -24.00 -21.95
N VAL E 54 -17.69 -22.99 -22.78
CA VAL E 54 -18.40 -21.71 -22.69
C VAL E 54 -19.75 -21.83 -23.39
N ASP E 55 -20.83 -21.56 -22.66
CA ASP E 55 -22.16 -21.50 -23.23
C ASP E 55 -22.66 -20.06 -23.18
N GLY E 56 -23.96 -19.89 -23.45
CA GLY E 56 -24.52 -18.55 -23.54
C GLY E 56 -24.43 -17.78 -22.24
N ASP E 57 -24.72 -18.46 -21.12
CA ASP E 57 -24.68 -17.79 -19.82
C ASP E 57 -23.28 -17.27 -19.52
N LEU E 58 -22.25 -18.08 -19.79
CA LEU E 58 -20.88 -17.64 -19.54
C LEU E 58 -20.46 -16.56 -20.54
N LEU E 59 -20.91 -16.67 -21.78
CA LEU E 59 -20.56 -15.68 -22.79
C LEU E 59 -21.13 -14.31 -22.43
N LEU E 60 -22.36 -14.27 -21.93
CA LEU E 60 -22.97 -13.02 -21.53
C LEU E 60 -22.33 -12.42 -20.29
N ARG E 61 -21.69 -13.24 -19.46
CA ARG E 61 -21.03 -12.78 -18.24
C ARG E 61 -19.52 -12.70 -18.37
N THR E 63 -15.69 -11.76 -18.73
CA THR E 63 -14.88 -10.65 -18.25
C THR E 63 -13.58 -10.60 -19.03
N GLU E 64 -12.91 -9.45 -18.99
CA GLU E 64 -11.65 -9.28 -19.69
C GLU E 64 -10.58 -10.19 -19.09
N GLU E 65 -10.62 -10.43 -17.78
CA GLU E 65 -9.64 -11.30 -17.15
C GLU E 65 -9.81 -12.75 -17.62
N GLU E 66 -11.05 -13.19 -17.82
CA GLU E 66 -11.30 -14.55 -18.28
C GLU E 66 -10.82 -14.74 -19.71
N LEU E 67 -11.03 -13.75 -20.57
CA LEU E 67 -10.52 -13.83 -21.95
C LEU E 67 -9.01 -13.97 -21.97
N GLN E 68 -8.32 -13.14 -21.19
CA GLN E 68 -6.86 -13.11 -21.20
C GLN E 68 -6.28 -14.39 -20.60
N THR E 69 -6.70 -14.73 -19.38
CA THR E 69 -6.05 -15.80 -18.65
C THR E 69 -6.52 -17.18 -19.11
N ASP E 70 -7.83 -17.39 -19.18
CA ASP E 70 -8.38 -18.72 -19.38
C ASP E 70 -8.61 -19.08 -20.85
N LEU E 71 -8.79 -18.10 -21.73
CA LEU E 71 -9.04 -18.35 -23.14
C LEU E 71 -7.88 -17.98 -24.04
N GLY E 72 -6.79 -17.43 -23.50
CA GLY E 72 -5.61 -17.18 -24.28
C GLY E 72 -5.66 -15.98 -25.19
N LYS E 74 -4.59 -12.90 -25.78
CA LYS E 74 -3.55 -12.11 -25.12
C LYS E 74 -3.64 -10.63 -25.48
N SER E 75 -3.88 -10.33 -26.76
CA SER E 75 -3.85 -8.94 -27.21
C SER E 75 -5.03 -8.17 -26.65
N GLY E 76 -4.74 -7.02 -26.03
CA GLY E 76 -5.81 -6.16 -25.56
C GLY E 76 -6.63 -5.56 -26.68
N ILE E 77 -6.01 -5.38 -27.86
CA ILE E 77 -6.75 -4.90 -29.01
C ILE E 77 -7.71 -5.98 -29.51
N THR E 78 -7.25 -7.23 -29.54
CA THR E 78 -8.14 -8.34 -29.90
C THR E 78 -9.28 -8.47 -28.91
N ARG E 79 -9.01 -8.27 -27.62
CA ARG E 79 -10.07 -8.31 -26.62
C ARG E 79 -11.07 -7.19 -26.84
N LYS E 80 -10.60 -6.00 -27.22
CA LYS E 80 -11.51 -4.89 -27.47
C LYS E 80 -12.40 -5.17 -28.68
N ARG E 81 -11.85 -5.83 -29.70
CA ARG E 81 -12.67 -6.24 -30.84
C ARG E 81 -13.74 -7.24 -30.41
N PHE E 82 -13.37 -8.17 -29.52
CA PHE E 82 -14.32 -9.17 -29.05
C PHE E 82 -15.49 -8.52 -28.33
N PHE E 83 -15.20 -7.61 -27.39
CA PHE E 83 -16.28 -6.95 -26.64
C PHE E 83 -17.12 -6.06 -27.54
N ARG E 84 -16.56 -5.58 -28.65
CA ARG E 84 -17.34 -4.86 -29.63
C ARG E 84 -18.42 -5.76 -30.22
N GLU E 85 -18.05 -7.00 -30.58
CA GLU E 85 -19.03 -7.93 -31.13
C GLU E 85 -19.97 -8.44 -30.05
N LEU E 86 -19.46 -8.69 -28.85
CA LEU E 86 -20.31 -9.19 -27.76
C LEU E 86 -21.34 -8.14 -27.35
N THR E 87 -20.96 -6.87 -27.36
CA THR E 87 -21.90 -5.80 -27.03
C THR E 87 -23.01 -5.71 -28.08
N GLU E 88 -22.66 -5.95 -29.35
CA GLU E 88 -23.66 -6.00 -30.40
C GLU E 88 -24.62 -7.18 -30.18
N LEU E 89 -24.06 -8.33 -29.77
CA LEU E 89 -24.90 -9.49 -29.47
C LEU E 89 -25.80 -9.22 -28.28
N LYS E 90 -25.25 -8.64 -27.21
CA LYS E 90 -26.04 -8.34 -26.02
C LYS E 90 -27.13 -7.32 -26.31
N THR E 91 -26.89 -6.41 -27.26
CA THR E 91 -27.84 -5.34 -27.49
C THR E 91 -29.11 -5.84 -28.18
N PHE E 92 -28.98 -6.79 -29.10
CA PHE E 92 -30.09 -7.28 -29.90
C PHE E 92 -30.44 -8.73 -29.57
N ALA E 93 -30.19 -9.15 -28.33
CA ALA E 93 -30.41 -10.53 -27.94
C ALA E 93 -31.88 -10.79 -27.57
N ASN E 94 -32.23 -12.07 -27.58
CA ASN E 94 -33.56 -12.53 -27.22
C ASN E 94 -33.55 -12.89 -25.75
N TYR E 95 -34.28 -12.11 -24.93
CA TYR E 95 -34.30 -12.31 -23.49
C TYR E 95 -35.63 -12.88 -23.00
N SER E 96 -36.44 -13.44 -23.90
CA SER E 96 -37.76 -13.93 -23.49
C SER E 96 -37.66 -15.05 -22.46
N THR E 97 -36.60 -15.85 -22.52
CA THR E 97 -36.46 -17.02 -21.67
C THR E 97 -35.98 -16.71 -20.26
N CYS E 98 -35.67 -15.44 -19.93
CA CYS E 98 -35.11 -15.17 -18.61
C CYS E 98 -35.43 -13.76 -18.09
N ASP E 99 -36.00 -12.91 -18.93
CA ASP E 99 -36.32 -11.54 -18.56
C ASP E 99 -37.82 -11.46 -18.35
N ARG E 100 -38.25 -11.71 -17.11
CA ARG E 100 -39.66 -11.85 -16.82
C ARG E 100 -40.38 -10.51 -16.78
N SER E 101 -39.70 -9.43 -16.39
CA SER E 101 -40.30 -8.11 -16.34
C SER E 101 -40.10 -7.31 -17.61
N ASN E 102 -39.54 -7.93 -18.66
CA ASN E 102 -39.13 -7.22 -19.87
C ASN E 102 -38.27 -6.01 -19.52
N LEU E 103 -37.20 -6.28 -18.76
CA LEU E 103 -36.26 -5.22 -18.40
C LEU E 103 -35.49 -4.73 -19.62
N ALA E 104 -35.31 -5.58 -20.62
CA ALA E 104 -34.57 -5.20 -21.82
C ALA E 104 -35.25 -4.04 -22.54
N ASP E 105 -36.58 -4.12 -22.70
CA ASP E 105 -37.30 -3.06 -23.41
C ASP E 105 -37.43 -1.80 -22.57
N TRP E 106 -37.29 -1.90 -21.24
CA TRP E 106 -37.24 -0.70 -20.42
C TRP E 106 -35.90 0.01 -20.61
N LEU E 107 -34.80 -0.73 -20.57
CA LEU E 107 -33.49 -0.16 -20.85
C LEU E 107 -33.42 0.39 -22.27
N GLY E 108 -33.97 -0.36 -23.24
CA GLY E 108 -33.90 0.07 -24.63
C GLY E 108 -34.64 1.36 -24.90
N SER E 109 -35.82 1.53 -24.27
CA SER E 109 -36.57 2.77 -24.45
C SER E 109 -35.84 3.97 -23.87
N LEU E 110 -34.95 3.75 -22.90
CA LEU E 110 -34.14 4.83 -22.35
C LEU E 110 -33.01 5.20 -23.30
N ASP E 111 -32.34 4.19 -23.86
CA ASP E 111 -31.26 4.37 -24.82
C ASP E 111 -30.95 3.00 -25.41
N PRO E 112 -30.87 2.88 -26.74
CA PRO E 112 -30.60 1.56 -27.35
C PRO E 112 -29.34 0.89 -26.81
N ARG E 113 -28.30 1.66 -26.52
CA ARG E 113 -27.05 1.06 -26.02
C ARG E 113 -27.21 0.44 -24.65
N PHE E 114 -28.26 0.79 -23.91
CA PHE E 114 -28.46 0.28 -22.56
C PHE E 114 -29.03 -1.13 -22.52
N ARG E 115 -29.49 -1.66 -23.66
CA ARG E 115 -30.08 -2.99 -23.67
C ARG E 115 -29.04 -4.09 -23.40
N GLN E 116 -27.75 -3.78 -23.58
CA GLN E 116 -26.71 -4.77 -23.35
C GLN E 116 -26.65 -5.20 -21.90
N TYR E 117 -27.05 -4.34 -20.97
CA TYR E 117 -26.99 -4.59 -19.54
C TYR E 117 -28.12 -5.46 -19.03
N THR E 118 -28.97 -6.01 -19.91
CA THR E 118 -30.13 -6.76 -19.46
C THR E 118 -29.73 -7.99 -18.66
N TYR E 119 -28.87 -8.84 -19.24
CA TYR E 119 -28.53 -10.10 -18.57
C TYR E 119 -27.79 -9.87 -17.26
N GLY E 120 -26.95 -8.84 -17.20
CA GLY E 120 -26.24 -8.55 -15.96
C GLY E 120 -27.19 -8.23 -14.81
N VAL E 122 -30.47 -9.08 -14.74
CA VAL E 122 -31.35 -10.24 -14.54
C VAL E 122 -30.60 -11.35 -13.80
N SER E 123 -29.27 -11.45 -14.00
CA SER E 123 -28.52 -12.51 -13.35
C SER E 123 -28.51 -12.35 -11.84
N CYS E 124 -28.50 -11.11 -11.35
CA CYS E 124 -28.68 -10.89 -9.92
C CYS E 124 -30.12 -10.61 -9.58
N GLY E 125 -31.04 -10.96 -10.47
CA GLY E 125 -32.44 -10.96 -10.11
C GLY E 125 -33.16 -9.63 -10.04
N LEU E 126 -32.69 -8.61 -10.73
CA LEU E 126 -33.41 -7.34 -10.73
C LEU E 126 -34.56 -7.41 -11.73
N ASP E 127 -35.55 -6.56 -11.53
CA ASP E 127 -36.64 -6.41 -12.49
C ASP E 127 -37.13 -4.97 -12.39
N ARG E 128 -38.20 -4.66 -13.14
CA ARG E 128 -38.69 -3.29 -13.13
C ARG E 128 -39.10 -2.85 -11.74
N SER E 129 -39.71 -3.76 -10.96
CA SER E 129 -40.16 -3.40 -9.61
C SER E 129 -39.01 -2.97 -8.71
N LEU E 130 -37.81 -3.51 -8.93
CA LEU E 130 -36.68 -3.30 -8.03
C LEU E 130 -35.73 -2.20 -8.46
N LEU E 131 -35.93 -1.59 -9.64
CA LEU E 131 -34.95 -0.68 -10.18
C LEU E 131 -34.72 0.53 -9.27
N HIS E 132 -35.79 1.00 -8.61
CA HIS E 132 -35.66 2.21 -7.79
C HIS E 132 -34.83 1.98 -6.53
N ARG E 133 -34.54 0.73 -6.18
CA ARG E 133 -33.74 0.41 -5.01
C ARG E 133 -32.29 0.09 -5.35
N VAL E 134 -31.89 0.23 -6.60
CA VAL E 134 -30.53 -0.11 -7.02
C VAL E 134 -29.65 1.12 -6.88
N SER E 135 -28.48 0.94 -6.29
CA SER E 135 -27.50 2.00 -6.12
C SER E 135 -26.45 1.94 -7.22
N GLU E 136 -25.70 3.04 -7.36
CA GLU E 136 -24.70 3.12 -8.41
C GLU E 136 -23.57 2.11 -8.18
N GLN E 137 -23.22 1.86 -6.92
CA GLN E 137 -22.20 0.86 -6.62
C GLN E 137 -22.66 -0.53 -7.01
N GLN E 138 -23.95 -0.82 -6.83
CA GLN E 138 -24.47 -2.15 -7.19
C GLN E 138 -24.41 -2.37 -8.70
N LEU E 140 -22.22 -1.30 -10.67
CA LEU E 140 -20.82 -1.52 -11.02
C LEU E 140 -20.33 -2.88 -10.55
N GLU E 141 -20.49 -3.17 -9.26
CA GLU E 141 -19.91 -4.39 -8.69
C GLU E 141 -20.70 -5.63 -9.11
N ASP E 142 -22.02 -5.54 -9.19
CA ASP E 142 -22.86 -6.71 -9.38
C ASP E 142 -23.41 -6.85 -10.79
N CYS E 143 -23.79 -5.75 -11.45
CA CYS E 143 -24.40 -5.83 -12.77
C CYS E 143 -23.40 -5.66 -13.92
N GLY E 144 -22.23 -5.10 -13.66
CA GLY E 144 -21.22 -4.96 -14.70
C GLY E 144 -21.39 -3.76 -15.61
N ILE E 145 -21.98 -2.67 -15.12
CA ILE E 145 -22.10 -1.45 -15.88
C ILE E 145 -20.86 -0.61 -15.58
N HIS E 146 -19.88 -0.66 -16.48
CA HIS E 146 -18.59 -0.04 -16.21
C HIS E 146 -18.57 1.45 -16.52
N LEU E 147 -19.36 1.89 -17.50
CA LEU E 147 -19.40 3.31 -17.87
C LEU E 147 -20.18 4.10 -16.81
N GLY E 148 -19.52 5.10 -16.22
CA GLY E 148 -20.17 5.89 -15.19
C GLY E 148 -21.33 6.70 -15.71
N VAL E 149 -21.20 7.25 -16.92
CA VAL E 149 -22.29 8.03 -17.50
C VAL E 149 -23.52 7.16 -17.68
N HIS E 150 -23.33 5.88 -18.03
CA HIS E 150 -24.46 4.97 -18.17
C HIS E 150 -25.11 4.70 -16.82
N ARG E 151 -24.31 4.45 -15.78
CA ARG E 151 -24.87 4.23 -14.45
C ARG E 151 -25.66 5.45 -13.99
N ALA E 152 -25.16 6.65 -14.28
CA ALA E 152 -25.86 7.87 -13.85
C ALA E 152 -27.19 8.03 -14.55
N ARG E 153 -27.26 7.68 -15.84
CA ARG E 153 -28.52 7.85 -16.57
C ARG E 153 -29.56 6.82 -16.18
N ILE E 154 -29.12 5.57 -15.98
CA ILE E 154 -30.06 4.52 -15.58
C ILE E 154 -30.60 4.78 -14.18
N LEU E 155 -29.73 5.22 -13.27
CA LEU E 155 -30.15 5.54 -11.92
C LEU E 155 -31.20 6.65 -11.92
N THR E 156 -30.95 7.72 -12.70
CA THR E 156 -31.90 8.82 -12.78
C THR E 156 -33.25 8.37 -13.32
N ALA E 157 -33.25 7.57 -14.39
CA ALA E 157 -34.51 7.12 -14.97
C ALA E 157 -35.28 6.23 -14.00
N ALA E 158 -34.57 5.43 -13.20
CA ALA E 158 -35.23 4.57 -12.24
C ALA E 158 -35.92 5.37 -11.13
N ARG E 159 -35.43 6.58 -10.85
CA ARG E 159 -35.97 7.39 -9.76
C ARG E 159 -37.19 8.19 -10.17
N GLU E 160 -37.32 8.51 -11.45
CA GLU E 160 -38.41 9.34 -11.94
C GLU E 160 -39.72 8.58 -12.11
N SER F 22 -30.50 -38.79 -2.80
CA SER F 22 -30.47 -38.14 -1.49
C SER F 22 -30.49 -36.62 -1.65
N ASN F 23 -31.11 -35.94 -0.69
CA ASN F 23 -31.31 -34.50 -0.76
C ASN F 23 -30.75 -33.73 0.42
N ALA F 24 -30.45 -34.37 1.55
CA ALA F 24 -29.92 -33.68 2.72
C ALA F 24 -28.41 -33.48 2.54
N VAL F 25 -28.07 -32.46 1.75
CA VAL F 25 -26.69 -32.15 1.42
C VAL F 25 -25.83 -31.95 2.67
N PRO F 26 -26.30 -31.23 3.70
CA PRO F 26 -25.49 -31.12 4.92
C PRO F 26 -25.08 -32.46 5.52
N SER F 27 -25.86 -33.51 5.31
CA SER F 27 -25.55 -34.83 5.84
C SER F 27 -24.78 -35.70 4.85
N TRP F 28 -24.41 -35.17 3.70
CA TRP F 28 -23.71 -35.95 2.68
C TRP F 28 -22.33 -36.38 3.18
N LYS F 29 -21.98 -37.63 2.90
CA LYS F 29 -20.63 -38.11 3.11
C LYS F 29 -19.86 -38.00 1.80
N GLU F 30 -18.62 -38.50 1.77
CA GLU F 30 -17.78 -38.35 0.60
C GLU F 30 -18.39 -39.04 -0.61
N ALA F 31 -19.03 -40.19 -0.40
CA ALA F 31 -19.62 -40.94 -1.50
C ALA F 31 -20.71 -40.13 -2.21
N GLU F 32 -21.57 -39.45 -1.44
CA GLU F 32 -22.64 -38.68 -2.04
C GLU F 32 -22.11 -37.51 -2.85
N VAL F 33 -21.01 -36.90 -2.41
CA VAL F 33 -20.40 -35.81 -3.17
C VAL F 33 -19.80 -36.34 -4.47
N GLN F 34 -19.16 -37.50 -4.41
CA GLN F 34 -18.56 -38.09 -5.61
C GLN F 34 -19.61 -38.36 -6.68
N THR F 35 -20.79 -38.84 -6.28
CA THR F 35 -21.86 -39.08 -7.25
C THR F 35 -22.33 -37.77 -7.87
N TRP F 36 -22.43 -36.71 -7.07
CA TRP F 36 -22.90 -35.43 -7.59
C TRP F 36 -21.91 -34.85 -8.60
N LEU F 37 -20.62 -35.04 -8.38
CA LEU F 37 -19.63 -34.55 -9.35
C LEU F 37 -19.80 -35.22 -10.71
N GLN F 38 -20.17 -36.50 -10.72
CA GLN F 38 -20.37 -37.20 -11.99
C GLN F 38 -21.64 -36.75 -12.70
N GLN F 39 -22.71 -36.49 -11.95
CA GLN F 39 -23.96 -36.05 -12.59
C GLN F 39 -23.87 -34.63 -13.13
N ILE F 40 -22.89 -33.83 -12.71
CA ILE F 40 -22.74 -32.48 -13.22
C ILE F 40 -21.59 -32.39 -14.22
N GLY F 41 -21.03 -33.52 -14.63
CA GLY F 41 -19.98 -33.54 -15.63
C GLY F 41 -18.61 -33.15 -15.13
N PHE F 42 -18.36 -33.27 -13.83
CA PHE F 42 -17.08 -32.92 -13.22
C PHE F 42 -16.30 -34.16 -12.81
N SER F 43 -16.42 -35.25 -13.58
CA SER F 43 -15.67 -36.47 -13.29
C SER F 43 -14.17 -36.20 -13.20
N LYS F 44 -13.69 -35.18 -13.92
CA LYS F 44 -12.28 -34.82 -13.89
C LYS F 44 -11.77 -34.56 -12.47
N TYR F 45 -12.63 -34.07 -11.59
CA TYR F 45 -12.23 -33.67 -10.25
C TYR F 45 -12.70 -34.65 -9.18
N CYS F 46 -13.08 -35.87 -9.55
CA CYS F 46 -13.56 -36.83 -8.58
C CYS F 46 -12.46 -37.20 -7.59
N GLU F 47 -11.31 -37.64 -8.09
CA GLU F 47 -10.25 -38.12 -7.22
C GLU F 47 -9.70 -37.01 -6.34
N SER F 48 -9.66 -35.78 -6.86
CA SER F 48 -9.23 -34.63 -6.07
C SER F 48 -10.12 -34.42 -4.86
N PHE F 49 -11.44 -34.45 -5.06
CA PHE F 49 -12.37 -34.29 -3.94
C PHE F 49 -12.29 -35.42 -2.92
N ARG F 50 -11.79 -36.60 -3.31
CA ARG F 50 -11.70 -37.69 -2.33
C ARG F 50 -10.41 -37.62 -1.53
N GLU F 51 -9.28 -37.33 -2.17
CA GLU F 51 -8.04 -37.19 -1.41
C GLU F 51 -8.15 -36.01 -0.44
N GLN F 52 -8.91 -34.98 -0.81
CA GLN F 52 -9.20 -33.89 0.11
C GLN F 52 -10.35 -34.21 1.05
N GLN F 53 -11.04 -35.33 0.82
CA GLN F 53 -12.12 -35.80 1.69
C GLN F 53 -13.23 -34.77 1.82
N VAL F 54 -13.74 -34.32 0.69
CA VAL F 54 -14.82 -33.34 0.65
C VAL F 54 -16.15 -34.04 0.90
N ASP F 55 -16.87 -33.61 1.92
CA ASP F 55 -18.21 -34.08 2.19
C ASP F 55 -19.21 -32.94 1.97
N GLY F 56 -20.45 -33.16 2.43
CA GLY F 56 -21.50 -32.18 2.17
C GLY F 56 -21.24 -30.84 2.85
N ASP F 57 -20.79 -30.87 4.10
CA ASP F 57 -20.53 -29.63 4.83
C ASP F 57 -19.45 -28.79 4.14
N LEU F 58 -18.38 -29.43 3.70
CA LEU F 58 -17.31 -28.71 3.04
C LEU F 58 -17.74 -28.22 1.66
N LEU F 59 -18.56 -29.01 0.96
CA LEU F 59 -19.03 -28.61 -0.36
C LEU F 59 -19.90 -27.37 -0.28
N LEU F 60 -20.76 -27.28 0.74
CA LEU F 60 -21.62 -26.11 0.89
C LEU F 60 -20.85 -24.87 1.29
N ARG F 61 -19.67 -25.01 1.90
CA ARG F 61 -18.85 -23.88 2.31
C ARG F 61 -17.66 -23.67 1.39
N THR F 63 -15.03 -22.37 -1.17
CA THR F 63 -14.59 -21.04 -1.55
C THR F 63 -13.82 -21.07 -2.86
N GLU F 64 -13.68 -19.88 -3.45
CA GLU F 64 -12.97 -19.74 -4.72
C GLU F 64 -11.51 -20.15 -4.57
N GLU F 65 -10.90 -19.81 -3.44
CA GLU F 65 -9.50 -20.13 -3.20
C GLU F 65 -9.27 -21.62 -3.01
N GLU F 66 -10.20 -22.31 -2.35
CA GLU F 66 -10.03 -23.74 -2.11
C GLU F 66 -10.12 -24.54 -3.40
N LEU F 67 -11.02 -24.14 -4.31
CA LEU F 67 -11.11 -24.78 -5.61
C LEU F 67 -9.80 -24.66 -6.38
N GLN F 68 -9.26 -23.44 -6.42
CA GLN F 68 -8.07 -23.18 -7.23
C GLN F 68 -6.83 -23.86 -6.64
N THR F 69 -6.57 -23.63 -5.35
CA THR F 69 -5.31 -24.07 -4.76
C THR F 69 -5.33 -25.55 -4.39
N ASP F 70 -6.36 -25.98 -3.66
CA ASP F 70 -6.34 -27.31 -3.05
C ASP F 70 -7.00 -28.39 -3.91
N LEU F 71 -7.89 -28.03 -4.83
CA LEU F 71 -8.57 -29.01 -5.67
C LEU F 71 -8.11 -28.95 -7.12
N GLY F 72 -7.21 -28.04 -7.47
CA GLY F 72 -6.62 -28.03 -8.79
C GLY F 72 -7.50 -27.49 -9.90
N LYS F 74 -8.03 -24.82 -12.13
CA LYS F 74 -7.21 -23.68 -12.51
C LYS F 74 -8.03 -22.61 -13.23
N SER F 75 -8.87 -23.02 -14.16
CA SER F 75 -9.61 -22.08 -15.00
C SER F 75 -10.68 -21.36 -14.19
N GLY F 76 -10.69 -20.03 -14.27
CA GLY F 76 -11.75 -19.26 -13.64
C GLY F 76 -13.10 -19.51 -14.28
N ILE F 77 -13.12 -19.83 -15.57
CA ILE F 77 -14.38 -20.16 -16.24
C ILE F 77 -14.92 -21.49 -15.73
N THR F 78 -14.05 -22.48 -15.55
CA THR F 78 -14.48 -23.75 -14.97
C THR F 78 -15.00 -23.55 -13.55
N ARG F 79 -14.35 -22.69 -12.77
CA ARG F 79 -14.83 -22.40 -11.42
C ARG F 79 -16.21 -21.75 -11.46
N LYS F 80 -16.44 -20.87 -12.43
CA LYS F 80 -17.76 -20.23 -12.54
C LYS F 80 -18.83 -21.25 -12.90
N ARG F 81 -18.48 -22.24 -13.72
CA ARG F 81 -19.42 -23.32 -13.99
C ARG F 81 -19.72 -24.12 -12.73
N PHE F 82 -18.69 -24.37 -11.91
CA PHE F 82 -18.87 -25.12 -10.68
C PHE F 82 -19.84 -24.41 -9.75
N PHE F 83 -19.60 -23.11 -9.49
CA PHE F 83 -20.48 -22.36 -8.60
C PHE F 83 -21.88 -22.21 -9.20
N ARG F 84 -22.01 -22.26 -10.52
CA ARG F 84 -23.33 -22.30 -11.13
C ARG F 84 -24.10 -23.54 -10.69
N GLU F 85 -23.42 -24.70 -10.73
CA GLU F 85 -24.05 -25.94 -10.30
C GLU F 85 -24.20 -26.00 -8.78
N LEU F 86 -23.21 -25.49 -8.05
CA LEU F 86 -23.27 -25.50 -6.59
C LEU F 86 -24.41 -24.62 -6.09
N THR F 87 -24.65 -23.50 -6.76
CA THR F 87 -25.78 -22.64 -6.40
C THR F 87 -27.10 -23.35 -6.67
N GLU F 88 -27.16 -24.15 -7.73
CA GLU F 88 -28.36 -24.92 -8.02
C GLU F 88 -28.60 -25.97 -6.93
N LEU F 89 -27.53 -26.62 -6.46
CA LEU F 89 -27.66 -27.59 -5.38
C LEU F 89 -28.08 -26.93 -4.07
N LYS F 90 -27.47 -25.79 -3.74
CA LYS F 90 -27.83 -25.07 -2.52
C LYS F 90 -29.27 -24.60 -2.54
N THR F 91 -29.82 -24.32 -3.73
CA THR F 91 -31.15 -23.74 -3.83
C THR F 91 -32.23 -24.77 -3.48
N PHE F 92 -32.04 -26.03 -3.87
CA PHE F 92 -33.05 -27.06 -3.71
C PHE F 92 -32.66 -28.10 -2.66
N ALA F 93 -31.82 -27.73 -1.71
CA ALA F 93 -31.38 -28.64 -0.66
C ALA F 93 -32.36 -28.64 0.51
N ASN F 94 -32.33 -29.73 1.27
CA ASN F 94 -33.14 -29.89 2.48
C ASN F 94 -32.28 -29.54 3.68
N TYR F 95 -32.61 -28.45 4.37
CA TYR F 95 -31.82 -27.97 5.51
C TYR F 95 -32.48 -28.24 6.85
N SER F 96 -33.48 -29.14 6.90
CA SER F 96 -34.23 -29.36 8.12
C SER F 96 -33.34 -29.85 9.26
N THR F 97 -32.26 -30.57 8.96
CA THR F 97 -31.43 -31.18 9.99
C THR F 97 -30.53 -30.18 10.69
N CYS F 98 -30.56 -28.90 10.31
CA CYS F 98 -29.68 -27.92 10.91
C CYS F 98 -30.34 -26.53 10.92
N ASP F 99 -31.48 -26.39 10.25
CA ASP F 99 -32.21 -25.13 10.19
C ASP F 99 -33.46 -25.27 11.06
N ARG F 100 -33.33 -24.95 12.35
CA ARG F 100 -34.45 -25.15 13.27
C ARG F 100 -35.54 -24.08 13.12
N SER F 101 -35.15 -22.87 12.74
CA SER F 101 -36.11 -21.77 12.63
C SER F 101 -36.74 -21.68 11.24
N ASN F 102 -36.50 -22.66 10.38
CA ASN F 102 -36.91 -22.61 8.98
C ASN F 102 -36.49 -21.29 8.33
N LEU F 103 -35.19 -21.00 8.42
CA LEU F 103 -34.65 -19.83 7.77
C LEU F 103 -34.67 -19.96 6.25
N ALA F 104 -34.62 -21.19 5.74
CA ALA F 104 -34.59 -21.40 4.30
C ALA F 104 -35.86 -20.88 3.64
N ASP F 105 -37.02 -21.20 4.19
CA ASP F 105 -38.28 -20.75 3.60
C ASP F 105 -38.55 -19.27 3.85
N TRP F 106 -37.88 -18.66 4.83
CA TRP F 106 -37.96 -17.21 4.96
C TRP F 106 -37.22 -16.52 3.82
N LEU F 107 -36.00 -16.97 3.53
CA LEU F 107 -35.27 -16.46 2.37
C LEU F 107 -36.02 -16.77 1.08
N GLY F 108 -36.54 -18.00 0.96
CA GLY F 108 -37.23 -18.38 -0.26
C GLY F 108 -38.49 -17.56 -0.51
N SER F 109 -39.23 -17.25 0.56
CA SER F 109 -40.43 -16.43 0.40
C SER F 109 -40.08 -15.02 -0.06
N LEU F 110 -38.87 -14.56 0.22
CA LEU F 110 -38.43 -13.25 -0.26
C LEU F 110 -38.04 -13.32 -1.73
N ASP F 111 -37.31 -14.36 -2.12
CA ASP F 111 -36.89 -14.59 -3.50
C ASP F 111 -36.31 -16.00 -3.58
N PRO F 112 -36.72 -16.80 -4.57
CA PRO F 112 -36.24 -18.20 -4.63
C PRO F 112 -34.72 -18.36 -4.65
N ARG F 113 -33.99 -17.49 -5.36
CA ARG F 113 -32.54 -17.67 -5.39
C ARG F 113 -31.88 -17.35 -4.05
N PHE F 114 -32.59 -16.73 -3.11
CA PHE F 114 -31.99 -16.42 -1.81
C PHE F 114 -31.87 -17.63 -0.90
N ARG F 115 -32.48 -18.77 -1.28
CA ARG F 115 -32.42 -19.97 -0.44
C ARG F 115 -31.02 -20.56 -0.40
N GLN F 116 -30.15 -20.21 -1.36
CA GLN F 116 -28.80 -20.74 -1.38
C GLN F 116 -27.99 -20.29 -0.17
N TYR F 117 -28.31 -19.13 0.39
CA TYR F 117 -27.58 -18.57 1.51
C TYR F 117 -27.96 -19.19 2.85
N THR F 118 -28.80 -20.23 2.84
CA THR F 118 -29.30 -20.79 4.10
C THR F 118 -28.16 -21.34 4.95
N TYR F 119 -27.35 -22.24 4.37
CA TYR F 119 -26.31 -22.89 5.15
C TYR F 119 -25.27 -21.88 5.65
N GLY F 120 -24.98 -20.86 4.85
CA GLY F 120 -24.02 -19.84 5.28
C GLY F 120 -24.48 -19.12 6.53
N VAL F 122 -26.81 -20.21 8.65
CA VAL F 122 -27.00 -21.16 9.74
C VAL F 122 -25.66 -21.56 10.34
N SER F 123 -24.59 -21.59 9.54
CA SER F 123 -23.28 -22.00 10.05
C SER F 123 -22.73 -21.00 11.06
N CYS F 124 -23.04 -19.71 10.91
CA CYS F 124 -22.62 -18.70 11.86
C CYS F 124 -23.69 -18.38 12.90
N GLY F 125 -24.65 -19.30 13.10
CA GLY F 125 -25.57 -19.21 14.22
C GLY F 125 -26.72 -18.25 14.07
N LEU F 126 -27.09 -17.87 12.85
CA LEU F 126 -28.23 -16.98 12.66
C LEU F 126 -29.53 -17.77 12.60
N ASP F 127 -30.63 -17.09 12.93
CA ASP F 127 -31.96 -17.62 12.79
C ASP F 127 -32.91 -16.46 12.58
N ARG F 128 -34.22 -16.75 12.51
CA ARG F 128 -35.20 -15.70 12.31
C ARG F 128 -35.16 -14.66 13.43
N SER F 129 -34.93 -15.12 14.66
CA SER F 129 -34.91 -14.21 15.80
C SER F 129 -33.82 -13.14 15.66
N LEU F 130 -32.72 -13.46 15.00
CA LEU F 130 -31.55 -12.59 14.94
C LEU F 130 -31.44 -11.77 13.66
N LEU F 131 -32.34 -11.97 12.69
CA LEU F 131 -32.15 -11.36 11.39
C LEU F 131 -32.11 -9.83 11.47
N HIS F 132 -32.88 -9.24 12.40
CA HIS F 132 -32.92 -7.80 12.52
C HIS F 132 -31.63 -7.21 13.08
N ARG F 133 -30.73 -8.04 13.62
CA ARG F 133 -29.45 -7.57 14.15
C ARG F 133 -28.29 -7.79 13.18
N VAL F 134 -28.55 -8.26 11.97
CA VAL F 134 -27.49 -8.58 11.03
C VAL F 134 -27.14 -7.36 10.20
N SER F 135 -25.85 -7.09 10.08
CA SER F 135 -25.35 -5.99 9.26
C SER F 135 -24.94 -6.51 7.88
N GLU F 136 -24.80 -5.56 6.95
CA GLU F 136 -24.46 -5.95 5.58
C GLU F 136 -23.03 -6.48 5.49
N GLN F 137 -22.12 -5.94 6.30
CA GLN F 137 -20.76 -6.46 6.33
C GLN F 137 -20.71 -7.89 6.85
N GLN F 138 -21.54 -8.20 7.84
CA GLN F 138 -21.60 -9.57 8.37
C GLN F 138 -22.14 -10.53 7.32
N LEU F 140 -21.59 -10.32 4.28
CA LEU F 140 -20.50 -10.47 3.33
C LEU F 140 -19.36 -11.31 3.90
N GLU F 141 -18.84 -10.91 5.07
CA GLU F 141 -17.66 -11.57 5.62
C GLU F 141 -17.98 -12.94 6.21
N ASP F 142 -19.13 -13.08 6.86
CA ASP F 142 -19.44 -14.26 7.65
C ASP F 142 -20.41 -15.22 6.95
N CYS F 143 -21.40 -14.70 6.24
CA CYS F 143 -22.40 -15.56 5.61
C CYS F 143 -22.08 -15.88 4.17
N GLY F 144 -21.23 -15.10 3.51
CA GLY F 144 -20.86 -15.38 2.14
C GLY F 144 -21.85 -14.89 1.10
N ILE F 145 -22.60 -13.82 1.39
CA ILE F 145 -23.51 -13.23 0.44
C ILE F 145 -22.72 -12.17 -0.33
N HIS F 146 -22.24 -12.54 -1.52
CA HIS F 146 -21.32 -11.67 -2.24
C HIS F 146 -22.05 -10.61 -3.07
N LEU F 147 -23.25 -10.91 -3.57
CA LEU F 147 -23.99 -9.95 -4.38
C LEU F 147 -24.59 -8.86 -3.50
N GLY F 148 -24.25 -7.61 -3.79
CA GLY F 148 -24.74 -6.50 -2.99
C GLY F 148 -26.25 -6.32 -3.06
N VAL F 149 -26.82 -6.53 -4.25
CA VAL F 149 -28.27 -6.41 -4.40
C VAL F 149 -28.98 -7.42 -3.51
N HIS F 150 -28.40 -8.61 -3.37
CA HIS F 150 -28.98 -9.62 -2.50
C HIS F 150 -28.89 -9.18 -1.03
N ARG F 151 -27.73 -8.67 -0.62
CA ARG F 151 -27.58 -8.18 0.75
C ARG F 151 -28.57 -7.05 1.03
N ALA F 152 -28.79 -6.16 0.06
CA ALA F 152 -29.67 -5.03 0.28
C ALA F 152 -31.12 -5.46 0.47
N ARG F 153 -31.58 -6.45 -0.28
CA ARG F 153 -32.97 -6.88 -0.15
C ARG F 153 -33.18 -7.69 1.13
N ILE F 154 -32.23 -8.54 1.48
CA ILE F 154 -32.32 -9.33 2.70
C ILE F 154 -32.23 -8.42 3.92
N LEU F 155 -31.34 -7.43 3.87
CA LEU F 155 -31.20 -6.48 4.97
C LEU F 155 -32.51 -5.70 5.18
N THR F 156 -33.07 -5.18 4.09
CA THR F 156 -34.32 -4.43 4.19
C THR F 156 -35.46 -5.29 4.70
N ALA F 157 -35.58 -6.51 4.18
CA ALA F 157 -36.67 -7.39 4.61
C ALA F 157 -36.55 -7.76 6.07
N ALA F 158 -35.31 -7.87 6.58
CA ALA F 158 -35.10 -8.18 7.98
C ALA F 158 -35.53 -7.02 8.88
N ARG F 159 -35.52 -5.79 8.37
CA ARG F 159 -35.86 -4.65 9.21
C ARG F 159 -37.37 -4.44 9.32
N GLU F 160 -38.13 -4.82 8.29
CA GLU F 160 -39.57 -4.60 8.27
C GLU F 160 -40.35 -5.67 9.04
N SER G 22 -10.10 -38.87 29.05
CA SER G 22 -10.19 -37.63 29.80
C SER G 22 -10.87 -36.53 29.00
N ASN G 23 -11.27 -35.46 29.68
CA ASN G 23 -12.01 -34.37 29.05
C ASN G 23 -11.42 -33.00 29.31
N ALA G 24 -10.52 -32.85 30.29
CA ALA G 24 -9.93 -31.55 30.63
C ALA G 24 -8.80 -31.26 29.64
N VAL G 25 -9.20 -30.80 28.45
CA VAL G 25 -8.27 -30.50 27.36
C VAL G 25 -7.18 -29.51 27.78
N PRO G 26 -7.49 -28.44 28.52
CA PRO G 26 -6.39 -27.56 28.98
C PRO G 26 -5.27 -28.28 29.71
N SER G 27 -5.58 -29.40 30.37
CA SER G 27 -4.60 -30.18 31.10
C SER G 27 -4.01 -31.32 30.27
N TRP G 28 -4.34 -31.41 28.98
CA TRP G 28 -3.87 -32.51 28.16
C TRP G 28 -2.37 -32.46 27.97
N LYS G 29 -1.73 -33.62 28.05
CA LYS G 29 -0.34 -33.79 27.69
C LYS G 29 -0.27 -34.26 26.23
N GLU G 30 0.94 -34.58 25.76
CA GLU G 30 1.10 -34.98 24.36
C GLU G 30 0.34 -36.26 24.06
N ALA G 31 0.31 -37.19 25.02
CA ALA G 31 -0.37 -38.47 24.79
C ALA G 31 -1.85 -38.27 24.49
N GLU G 32 -2.54 -37.39 25.23
CA GLU G 32 -3.95 -37.17 24.99
C GLU G 32 -4.20 -36.52 23.64
N VAL G 33 -3.29 -35.66 23.19
CA VAL G 33 -3.45 -35.06 21.87
C VAL G 33 -3.25 -36.11 20.78
N GLN G 34 -2.25 -36.99 20.97
CA GLN G 34 -2.00 -38.05 19.99
C GLN G 34 -3.19 -39.00 19.88
N THR G 35 -3.81 -39.35 21.01
CA THR G 35 -4.99 -40.20 20.98
C THR G 35 -6.15 -39.51 20.27
N TRP G 36 -6.32 -38.21 20.52
CA TRP G 36 -7.42 -37.47 19.91
C TRP G 36 -7.24 -37.35 18.40
N LEU G 37 -5.99 -37.17 17.95
CA LEU G 37 -5.73 -37.08 16.51
C LEU G 37 -6.11 -38.39 15.80
N GLN G 38 -5.88 -39.52 16.45
CA GLN G 38 -6.23 -40.80 15.84
C GLN G 38 -7.74 -41.00 15.82
N GLN G 39 -8.45 -40.56 16.85
CA GLN G 39 -9.90 -40.75 16.90
C GLN G 39 -10.64 -39.89 15.88
N ILE G 40 -10.00 -38.85 15.36
CA ILE G 40 -10.61 -37.99 14.34
C ILE G 40 -10.05 -38.29 12.96
N GLY G 41 -9.28 -39.37 12.82
CA GLY G 41 -8.75 -39.77 11.53
C GLY G 41 -7.55 -38.99 11.06
N PHE G 42 -6.82 -38.34 11.97
CA PHE G 42 -5.64 -37.56 11.61
C PHE G 42 -4.35 -38.23 12.04
N SER G 43 -4.32 -39.58 12.02
CA SER G 43 -3.09 -40.30 12.33
C SER G 43 -1.95 -39.89 11.41
N LYS G 44 -2.29 -39.49 10.19
CA LYS G 44 -1.30 -39.05 9.21
C LYS G 44 -0.42 -37.93 9.77
N TYR G 45 -0.96 -37.12 10.68
CA TYR G 45 -0.24 -35.99 11.26
C TYR G 45 0.18 -36.24 12.71
N CYS G 46 0.20 -37.49 13.16
CA CYS G 46 0.54 -37.79 14.54
C CYS G 46 1.97 -37.39 14.89
N GLU G 47 2.95 -37.88 14.12
CA GLU G 47 4.35 -37.60 14.45
C GLU G 47 4.67 -36.12 14.37
N SER G 48 4.05 -35.39 13.44
CA SER G 48 4.26 -33.95 13.37
C SER G 48 3.84 -33.28 14.68
N PHE G 49 2.67 -33.62 15.19
CA PHE G 49 2.23 -33.06 16.47
C PHE G 49 3.12 -33.48 17.64
N ARG G 50 3.82 -34.61 17.52
CA ARG G 50 4.68 -35.03 18.62
C ARG G 50 6.06 -34.37 18.53
N GLU G 51 6.64 -34.27 17.33
CA GLU G 51 7.92 -33.59 17.20
C GLU G 51 7.81 -32.12 17.62
N GLN G 52 6.64 -31.52 17.38
CA GLN G 52 6.39 -30.15 17.83
C GLN G 52 5.95 -30.09 19.29
N GLN G 53 5.72 -31.24 19.92
CA GLN G 53 5.37 -31.32 21.35
C GLN G 53 4.10 -30.54 21.65
N VAL G 54 3.04 -30.85 20.89
CA VAL G 54 1.75 -30.19 21.07
C VAL G 54 1.03 -30.84 22.25
N ASP G 55 0.67 -30.03 23.23
CA ASP G 55 -0.15 -30.47 24.34
C ASP G 55 -1.51 -29.77 24.26
N GLY G 56 -2.29 -29.87 25.34
CA GLY G 56 -3.64 -29.33 25.32
C GLY G 56 -3.67 -27.82 25.15
N ASP G 57 -2.80 -27.12 25.85
CA ASP G 57 -2.77 -25.66 25.77
C ASP G 57 -2.45 -25.18 24.36
N LEU G 58 -1.47 -25.81 23.71
CA LEU G 58 -1.12 -25.41 22.35
C LEU G 58 -2.21 -25.80 21.36
N LEU G 59 -2.86 -26.95 21.57
CA LEU G 59 -3.93 -27.39 20.68
C LEU G 59 -5.10 -26.42 20.73
N LEU G 60 -5.44 -25.92 21.92
CA LEU G 60 -6.54 -24.97 22.06
C LEU G 60 -6.22 -23.61 21.45
N ARG G 61 -4.94 -23.26 21.33
CA ARG G 61 -4.52 -21.99 20.76
C ARG G 61 -4.02 -22.13 19.34
N THR G 63 -3.41 -21.93 15.55
CA THR G 63 -3.72 -21.01 14.47
C THR G 63 -3.57 -21.70 13.13
N GLU G 64 -4.18 -21.11 12.11
CA GLU G 64 -4.11 -21.69 10.77
C GLU G 64 -2.69 -21.70 10.24
N GLU G 65 -1.90 -20.67 10.56
CA GLU G 65 -0.52 -20.61 10.07
C GLU G 65 0.34 -21.71 10.69
N GLU G 66 0.10 -22.04 11.96
CA GLU G 66 0.89 -23.09 12.61
C GLU G 66 0.60 -24.44 11.98
N LEU G 67 -0.66 -24.71 11.63
CA LEU G 67 -0.99 -25.95 10.94
C LEU G 67 -0.25 -26.05 9.60
N GLN G 68 -0.30 -24.98 8.81
CA GLN G 68 0.29 -25.01 7.48
C GLN G 68 1.81 -25.04 7.55
N THR G 69 2.41 -24.11 8.30
CA THR G 69 3.86 -23.93 8.28
C THR G 69 4.57 -24.94 9.16
N ASP G 70 4.13 -25.08 10.41
CA ASP G 70 4.89 -25.84 11.40
C ASP G 70 4.48 -27.30 11.47
N LEU G 71 3.26 -27.64 11.08
CA LEU G 71 2.79 -29.02 11.14
C LEU G 71 2.62 -29.66 9.76
N GLY G 72 2.88 -28.93 8.68
CA GLY G 72 2.87 -29.51 7.35
C GLY G 72 1.51 -29.77 6.75
N LYS G 74 -0.70 -28.69 4.47
CA LYS G 74 -0.71 -27.72 3.37
C LYS G 74 -2.12 -27.41 2.89
N SER G 75 -2.96 -28.43 2.77
CA SER G 75 -4.29 -28.24 2.18
C SER G 75 -5.16 -27.39 3.09
N GLY G 76 -5.74 -26.32 2.53
CA GLY G 76 -6.68 -25.51 3.28
C GLY G 76 -7.96 -26.25 3.59
N ILE G 77 -8.34 -27.21 2.75
CA ILE G 77 -9.53 -28.02 3.02
C ILE G 77 -9.28 -28.94 4.20
N THR G 78 -8.08 -29.54 4.27
CA THR G 78 -7.73 -30.35 5.43
C THR G 78 -7.72 -29.51 6.70
N ARG G 79 -7.21 -28.27 6.60
CA ARG G 79 -7.23 -27.38 7.77
C ARG G 79 -8.65 -27.05 8.21
N LYS G 80 -9.56 -26.86 7.24
CA LYS G 80 -10.95 -26.60 7.61
C LYS G 80 -11.59 -27.81 8.28
N ARG G 81 -11.22 -29.02 7.83
CA ARG G 81 -11.67 -30.22 8.53
C ARG G 81 -11.08 -30.28 9.93
N PHE G 82 -9.81 -29.90 10.08
CA PHE G 82 -9.17 -29.93 11.39
C PHE G 82 -9.88 -28.99 12.36
N PHE G 83 -10.09 -27.74 11.94
CA PHE G 83 -10.77 -26.77 12.80
C PHE G 83 -12.22 -27.15 13.06
N ARG G 84 -12.84 -27.91 12.14
CA ARG G 84 -14.16 -28.47 12.41
C ARG G 84 -14.12 -29.39 13.63
N GLU G 85 -13.11 -30.27 13.67
CA GLU G 85 -12.97 -31.17 14.80
C GLU G 85 -12.49 -30.43 16.05
N LEU G 86 -11.59 -29.47 15.87
CA LEU G 86 -11.09 -28.70 17.01
C LEU G 86 -12.18 -27.83 17.63
N THR G 87 -13.07 -27.28 16.80
CA THR G 87 -14.16 -26.46 17.34
C THR G 87 -15.12 -27.30 18.17
N GLU G 88 -15.40 -28.53 17.74
CA GLU G 88 -16.24 -29.42 18.54
C GLU G 88 -15.55 -29.79 19.85
N LEU G 89 -14.24 -30.02 19.81
CA LEU G 89 -13.51 -30.30 21.04
C LEU G 89 -13.55 -29.11 21.99
N LYS G 90 -13.34 -27.91 21.46
CA LYS G 90 -13.41 -26.71 22.29
C LYS G 90 -14.81 -26.51 22.87
N THR G 91 -15.84 -26.97 22.15
CA THR G 91 -17.21 -26.70 22.58
C THR G 91 -17.59 -27.53 23.81
N PHE G 92 -17.14 -28.78 23.87
CA PHE G 92 -17.55 -29.70 24.93
C PHE G 92 -16.39 -30.05 25.88
N ALA G 93 -15.41 -29.17 26.00
CA ALA G 93 -14.28 -29.42 26.88
C ALA G 93 -14.60 -28.98 28.31
N ASN G 94 -13.85 -29.55 29.25
CA ASN G 94 -14.00 -29.22 30.68
C ASN G 94 -12.96 -28.15 31.04
N TYR G 95 -13.44 -26.96 31.38
CA TYR G 95 -12.57 -25.82 31.67
C TYR G 95 -12.51 -25.47 33.15
N SER G 96 -12.91 -26.40 34.03
CA SER G 96 -12.99 -26.08 35.45
C SER G 96 -11.63 -25.70 36.04
N THR G 97 -10.55 -26.25 35.50
CA THR G 97 -9.22 -26.04 36.08
C THR G 97 -8.64 -24.67 35.78
N CYS G 98 -9.35 -23.83 35.02
CA CYS G 98 -8.79 -22.52 34.66
C CYS G 98 -9.87 -21.46 34.50
N ASP G 99 -11.13 -21.87 34.46
CA ASP G 99 -12.26 -20.95 34.34
C ASP G 99 -12.97 -20.93 35.69
N ARG G 100 -12.49 -20.09 36.60
CA ARG G 100 -13.05 -20.10 37.96
C ARG G 100 -14.37 -19.35 38.01
N SER G 101 -14.58 -18.37 37.15
CA SER G 101 -15.79 -17.57 37.13
C SER G 101 -16.90 -18.20 36.31
N ASN G 102 -16.70 -19.43 35.85
CA ASN G 102 -17.63 -20.14 34.97
C ASN G 102 -18.03 -19.27 33.78
N LEU G 103 -17.01 -18.81 33.07
CA LEU G 103 -17.24 -18.05 31.84
C LEU G 103 -17.81 -18.94 30.74
N ALA G 104 -17.51 -20.24 30.78
CA ALA G 104 -17.98 -21.15 29.74
C ALA G 104 -19.50 -21.22 29.72
N ASP G 105 -20.13 -21.35 30.88
CA ASP G 105 -21.58 -21.46 30.95
C ASP G 105 -22.28 -20.13 30.68
N TRP G 106 -21.58 -19.01 30.82
CA TRP G 106 -22.16 -17.74 30.38
C TRP G 106 -22.21 -17.69 28.86
N LEU G 107 -21.12 -18.08 28.21
CA LEU G 107 -21.13 -18.21 26.74
C LEU G 107 -22.12 -19.26 26.30
N GLY G 108 -22.17 -20.40 26.99
CA GLY G 108 -23.06 -21.47 26.58
C GLY G 108 -24.53 -21.10 26.71
N SER G 109 -24.89 -20.40 27.78
CA SER G 109 -26.28 -19.96 27.95
C SER G 109 -26.69 -18.98 26.86
N LEU G 110 -25.74 -18.26 26.28
CA LEU G 110 -26.05 -17.37 25.16
C LEU G 110 -26.24 -18.16 23.87
N ASP G 111 -25.36 -19.14 23.62
CA ASP G 111 -25.41 -20.03 22.47
C ASP G 111 -24.41 -21.17 22.71
N PRO G 112 -24.82 -22.43 22.53
CA PRO G 112 -23.89 -23.54 22.79
C PRO G 112 -22.58 -23.45 22.03
N ARG G 113 -22.61 -23.01 20.78
CA ARG G 113 -21.39 -22.91 19.98
C ARG G 113 -20.43 -21.83 20.48
N PHE G 114 -20.88 -20.92 21.34
CA PHE G 114 -20.02 -19.88 21.87
C PHE G 114 -19.07 -20.39 22.95
N ARG G 115 -19.26 -21.64 23.41
CA ARG G 115 -18.42 -22.18 24.46
C ARG G 115 -16.98 -22.40 23.99
N GLN G 116 -16.75 -22.45 22.67
CA GLN G 116 -15.41 -22.66 22.15
C GLN G 116 -14.46 -21.53 22.51
N TYR G 117 -15.00 -20.33 22.70
CA TYR G 117 -14.18 -19.15 22.99
C TYR G 117 -13.74 -19.07 24.44
N THR G 118 -14.03 -20.11 25.25
CA THR G 118 -13.74 -20.04 26.67
C THR G 118 -12.24 -19.91 26.92
N TYR G 119 -11.45 -20.82 26.36
CA TYR G 119 -10.01 -20.81 26.63
C TYR G 119 -9.36 -19.53 26.10
N GLY G 120 -9.84 -19.04 24.96
CA GLY G 120 -9.29 -17.79 24.42
C GLY G 120 -9.47 -16.62 25.35
N VAL G 122 -10.20 -16.85 28.64
CA VAL G 122 -9.56 -17.16 29.91
C VAL G 122 -8.04 -16.98 29.82
N SER G 123 -7.46 -17.21 28.64
CA SER G 123 -6.01 -17.10 28.50
C SER G 123 -5.53 -15.66 28.64
N CYS G 124 -6.31 -14.69 28.21
CA CYS G 124 -5.96 -13.28 28.36
C CYS G 124 -6.58 -12.64 29.60
N GLY G 125 -6.98 -13.47 30.58
CA GLY G 125 -7.36 -12.96 31.88
C GLY G 125 -8.76 -12.41 32.02
N LEU G 126 -9.68 -12.80 31.14
CA LEU G 126 -11.06 -12.34 31.24
C LEU G 126 -11.87 -13.23 32.18
N ASP G 127 -12.93 -12.64 32.72
CA ASP G 127 -13.93 -13.37 33.51
C ASP G 127 -15.25 -12.63 33.39
N ARG G 128 -16.26 -13.10 34.13
CA ARG G 128 -17.58 -12.46 34.07
C ARG G 128 -17.50 -11.01 34.53
N SER G 129 -16.67 -10.72 35.53
CA SER G 129 -16.58 -9.36 36.05
C SER G 129 -16.10 -8.38 35.00
N LEU G 130 -15.30 -8.83 34.03
CA LEU G 130 -14.64 -7.95 33.08
C LEU G 130 -15.35 -7.86 31.73
N LEU G 131 -16.40 -8.65 31.51
CA LEU G 131 -16.96 -8.79 30.17
C LEU G 131 -17.51 -7.47 29.64
N HIS G 132 -18.10 -6.64 30.50
CA HIS G 132 -18.72 -5.41 30.02
C HIS G 132 -17.71 -4.38 29.56
N ARG G 133 -16.43 -4.58 29.86
CA ARG G 133 -15.36 -3.65 29.48
C ARG G 133 -14.59 -4.12 28.25
N VAL G 134 -15.00 -5.21 27.62
CA VAL G 134 -14.29 -5.78 26.47
C VAL G 134 -14.85 -5.18 25.19
N SER G 135 -13.97 -4.76 24.29
CA SER G 135 -14.34 -4.25 22.99
C SER G 135 -14.19 -5.34 21.93
N GLU G 136 -14.82 -5.09 20.77
CA GLU G 136 -14.80 -6.09 19.71
C GLU G 136 -13.40 -6.26 19.12
N GLN G 137 -12.60 -5.20 19.10
CA GLN G 137 -11.21 -5.33 18.65
C GLN G 137 -10.43 -6.26 19.57
N GLN G 138 -10.69 -6.17 20.87
CA GLN G 138 -10.05 -7.08 21.82
C GLN G 138 -10.51 -8.52 21.61
N LEU G 140 -11.36 -9.75 18.78
CA LEU G 140 -10.78 -10.20 17.53
C LEU G 140 -9.28 -10.46 17.68
N GLU G 141 -8.55 -9.45 18.16
CA GLU G 141 -7.09 -9.55 18.20
C GLU G 141 -6.62 -10.44 19.33
N ASP G 142 -7.27 -10.39 20.48
CA ASP G 142 -6.78 -11.04 21.68
C ASP G 142 -7.49 -12.34 22.03
N CYS G 143 -8.81 -12.42 21.81
CA CYS G 143 -9.57 -13.61 22.17
C CYS G 143 -9.75 -14.58 21.01
N GLY G 144 -9.58 -14.13 19.77
CA GLY G 144 -9.69 -15.02 18.64
C GLY G 144 -11.09 -15.32 18.15
N ILE G 145 -12.04 -14.40 18.36
CA ILE G 145 -13.40 -14.57 17.86
C ILE G 145 -13.42 -13.95 16.46
N HIS G 146 -13.31 -14.79 15.43
CA HIS G 146 -13.15 -14.28 14.08
C HIS G 146 -14.49 -13.95 13.42
N LEU G 147 -15.56 -14.65 13.78
CA LEU G 147 -16.87 -14.39 13.19
C LEU G 147 -17.45 -13.10 13.74
N GLY G 148 -17.79 -12.17 12.85
CA GLY G 148 -18.33 -10.89 13.27
C GLY G 148 -19.67 -11.01 13.96
N VAL G 149 -20.53 -11.91 13.46
CA VAL G 149 -21.84 -12.11 14.09
C VAL G 149 -21.67 -12.59 15.53
N HIS G 150 -20.66 -13.42 15.78
CA HIS G 150 -20.41 -13.89 17.14
C HIS G 150 -19.94 -12.74 18.04
N ARG G 151 -19.01 -11.93 17.55
CA ARG G 151 -18.53 -10.79 18.33
C ARG G 151 -19.66 -9.83 18.66
N ALA G 152 -20.55 -9.58 17.69
CA ALA G 152 -21.66 -8.65 17.93
C ALA G 152 -22.62 -9.20 18.97
N ARG G 153 -22.84 -10.51 18.96
CA ARG G 153 -23.78 -11.12 19.90
C ARG G 153 -23.20 -11.16 21.31
N ILE G 154 -21.90 -11.44 21.44
CA ILE G 154 -21.28 -11.45 22.76
C ILE G 154 -21.22 -10.03 23.34
N LEU G 155 -20.95 -9.04 22.48
CA LEU G 155 -20.92 -7.65 22.92
C LEU G 155 -22.28 -7.23 23.49
N THR G 156 -23.35 -7.52 22.76
CA THR G 156 -24.68 -7.13 23.20
C THR G 156 -25.04 -7.78 24.54
N ALA G 157 -24.75 -9.08 24.67
CA ALA G 157 -25.07 -9.78 25.91
C ALA G 157 -24.23 -9.30 27.08
N ALA G 158 -22.97 -8.93 26.82
CA ALA G 158 -22.11 -8.44 27.89
C ALA G 158 -22.57 -7.09 28.42
N ARG G 159 -23.27 -6.30 27.60
CA ARG G 159 -23.71 -4.98 27.97
C ARG G 159 -25.01 -4.99 28.77
N GLU G 160 -25.82 -6.03 28.63
CA GLU G 160 -27.12 -6.09 29.29
C GLU G 160 -27.03 -6.44 30.77
N SER H 22 19.91 -19.50 41.42
CA SER H 22 19.60 -18.09 41.58
C SER H 22 18.26 -17.74 40.92
N ASN H 23 17.71 -16.58 41.29
CA ASN H 23 16.40 -16.15 40.80
C ASN H 23 16.40 -14.73 40.24
N ALA H 24 17.42 -13.93 40.50
CA ALA H 24 17.48 -12.54 40.01
C ALA H 24 17.91 -12.55 38.55
N VAL H 25 16.94 -12.84 37.69
CA VAL H 25 17.15 -12.95 36.24
C VAL H 25 17.80 -11.70 35.66
N PRO H 26 17.40 -10.48 36.02
CA PRO H 26 18.09 -9.30 35.47
C PRO H 26 19.60 -9.32 35.66
N SER H 27 20.10 -9.99 36.70
CA SER H 27 21.52 -10.10 36.96
C SER H 27 22.15 -11.36 36.37
N TRP H 28 21.37 -12.16 35.64
CA TRP H 28 21.89 -13.41 35.09
C TRP H 28 22.96 -13.16 34.03
N LYS H 29 24.03 -13.96 34.11
CA LYS H 29 25.02 -14.04 33.06
C LYS H 29 24.69 -15.23 32.16
N GLU H 30 25.59 -15.53 31.22
CA GLU H 30 25.31 -16.59 30.24
C GLU H 30 25.13 -17.95 30.91
N ALA H 31 25.89 -18.21 31.98
CA ALA H 31 25.81 -19.50 32.65
C ALA H 31 24.40 -19.75 33.19
N GLU H 32 23.78 -18.75 33.82
CA GLU H 32 22.44 -18.93 34.35
C GLU H 32 21.40 -19.13 33.25
N VAL H 33 21.60 -18.49 32.10
CA VAL H 33 20.69 -18.70 30.98
C VAL H 33 20.84 -20.11 30.43
N GLN H 34 22.08 -20.59 30.32
CA GLN H 34 22.30 -21.95 29.84
C GLN H 34 21.68 -22.99 30.77
N THR H 35 21.79 -22.77 32.08
CA THR H 35 21.17 -23.69 33.04
C THR H 35 19.65 -23.67 32.92
N TRP H 36 19.06 -22.48 32.73
CA TRP H 36 17.62 -22.37 32.63
C TRP H 36 17.09 -23.08 31.38
N LEU H 37 17.82 -22.98 30.27
CA LEU H 37 17.41 -23.68 29.05
C LEU H 37 17.40 -25.18 29.25
N GLN H 38 18.33 -25.70 30.04
CA GLN H 38 18.36 -27.14 30.31
C GLN H 38 17.20 -27.56 31.20
N GLN H 39 16.84 -26.72 32.17
CA GLN H 39 15.76 -27.06 33.09
C GLN H 39 14.39 -27.01 32.42
N ILE H 40 14.26 -26.35 31.27
CA ILE H 40 13.01 -26.27 30.55
C ILE H 40 13.00 -27.17 29.32
N GLY H 41 14.03 -28.01 29.16
CA GLY H 41 14.09 -28.92 28.04
C GLY H 41 14.49 -28.32 26.72
N PHE H 42 15.16 -27.16 26.74
CA PHE H 42 15.62 -26.49 25.53
C PHE H 42 17.12 -26.61 25.34
N SER H 43 17.70 -27.75 25.76
CA SER H 43 19.13 -27.99 25.55
C SER H 43 19.50 -27.89 24.08
N LYS H 44 18.55 -28.21 23.19
CA LYS H 44 18.79 -28.13 21.76
C LYS H 44 19.27 -26.74 21.32
N TYR H 45 18.84 -25.69 22.02
CA TYR H 45 19.19 -24.33 21.68
C TYR H 45 20.24 -23.72 22.59
N CYS H 46 20.95 -24.56 23.34
CA CYS H 46 22.00 -24.05 24.23
C CYS H 46 23.11 -23.40 23.43
N GLU H 47 23.59 -24.08 22.40
CA GLU H 47 24.74 -23.59 21.64
C GLU H 47 24.42 -22.28 20.93
N SER H 48 23.19 -22.13 20.42
CA SER H 48 22.78 -20.88 19.80
C SER H 48 22.78 -19.74 20.80
N PHE H 49 22.20 -19.96 21.98
CA PHE H 49 22.22 -18.93 23.02
C PHE H 49 23.63 -18.61 23.49
N ARG H 50 24.59 -19.50 23.24
CA ARG H 50 25.97 -19.24 23.63
C ARG H 50 26.69 -18.36 22.63
N GLU H 51 26.55 -18.66 21.34
CA GLU H 51 27.21 -17.83 20.33
C GLU H 51 26.65 -16.41 20.30
N GLN H 52 25.37 -16.25 20.59
CA GLN H 52 24.76 -14.91 20.65
C GLN H 52 24.98 -14.23 21.99
N GLN H 53 25.55 -14.93 22.97
CA GLN H 53 25.88 -14.35 24.28
C GLN H 53 24.64 -13.77 24.96
N VAL H 54 23.61 -14.59 25.09
CA VAL H 54 22.37 -14.18 25.72
C VAL H 54 22.54 -14.26 27.24
N ASP H 55 22.34 -13.14 27.92
CA ASP H 55 22.32 -13.08 29.37
C ASP H 55 20.90 -12.75 29.83
N GLY H 56 20.77 -12.41 31.12
CA GLY H 56 19.46 -12.18 31.68
C GLY H 56 18.74 -11.00 31.05
N ASP H 57 19.47 -9.90 30.82
CA ASP H 57 18.85 -8.71 30.23
C ASP H 57 18.33 -9.01 28.82
N LEU H 58 19.10 -9.73 28.02
CA LEU H 58 18.65 -10.06 26.66
C LEU H 58 17.52 -11.08 26.69
N LEU H 59 17.58 -12.03 27.63
CA LEU H 59 16.52 -13.03 27.73
C LEU H 59 15.18 -12.40 28.10
N LEU H 60 15.21 -11.43 29.02
CA LEU H 60 13.99 -10.76 29.43
C LEU H 60 13.42 -9.85 28.35
N ARG H 61 14.26 -9.40 27.41
CA ARG H 61 13.83 -8.55 26.32
C ARG H 61 13.72 -9.32 25.00
N THR H 63 12.52 -11.09 21.78
CA THR H 63 11.41 -10.91 20.85
C THR H 63 11.27 -12.14 19.96
N GLU H 64 10.10 -12.28 19.36
CA GLU H 64 9.85 -13.43 18.48
C GLU H 64 10.76 -13.39 17.25
N GLU H 65 11.05 -12.20 16.74
CA GLU H 65 11.90 -12.09 15.56
C GLU H 65 13.33 -12.54 15.87
N GLU H 66 13.82 -12.24 17.08
CA GLU H 66 15.16 -12.67 17.45
C GLU H 66 15.25 -14.18 17.59
N LEU H 67 14.21 -14.82 18.15
CA LEU H 67 14.19 -16.27 18.25
C LEU H 67 14.25 -16.92 16.87
N GLN H 68 13.43 -16.43 15.94
CA GLN H 68 13.36 -17.04 14.61
C GLN H 68 14.64 -16.79 13.82
N THR H 69 15.05 -15.53 13.71
CA THR H 69 16.15 -15.18 12.81
C THR H 69 17.51 -15.45 13.42
N ASP H 70 17.75 -14.98 14.64
CA ASP H 70 19.10 -14.97 15.20
C ASP H 70 19.42 -16.21 16.01
N LEU H 71 18.42 -16.90 16.56
CA LEU H 71 18.65 -18.09 17.37
C LEU H 71 18.21 -19.37 16.67
N GLY H 72 17.67 -19.29 15.46
CA GLY H 72 17.36 -20.47 14.68
C GLY H 72 16.14 -21.25 15.11
N LYS H 74 13.03 -22.04 14.16
CA LYS H 74 12.18 -21.92 12.98
C LYS H 74 10.70 -22.11 13.33
N SER H 75 10.38 -23.11 14.14
CA SER H 75 9.00 -23.45 14.40
C SER H 75 8.31 -22.38 15.24
N GLY H 76 7.18 -21.88 14.75
CA GLY H 76 6.37 -20.97 15.54
C GLY H 76 5.77 -21.64 16.77
N ILE H 77 5.53 -22.95 16.70
CA ILE H 77 5.03 -23.68 17.86
C ILE H 77 6.13 -23.79 18.91
N THR H 78 7.36 -24.05 18.49
CA THR H 78 8.48 -24.08 19.44
C THR H 78 8.66 -22.73 20.10
N ARG H 79 8.52 -21.64 19.34
CA ARG H 79 8.62 -20.30 19.92
C ARG H 79 7.50 -20.04 20.93
N LYS H 80 6.29 -20.52 20.63
CA LYS H 80 5.19 -20.32 21.56
C LYS H 80 5.41 -21.08 22.86
N ARG H 81 6.01 -22.28 22.77
CA ARG H 81 6.40 -22.98 23.97
C ARG H 81 7.47 -22.22 24.74
N PHE H 82 8.43 -21.62 24.02
CA PHE H 82 9.49 -20.87 24.67
C PHE H 82 8.93 -19.70 25.47
N PHE H 83 8.07 -18.90 24.84
CA PHE H 83 7.48 -17.76 25.54
C PHE H 83 6.58 -18.20 26.68
N ARG H 84 6.03 -19.42 26.61
CA ARG H 84 5.31 -19.97 27.74
C ARG H 84 6.24 -20.14 28.94
N GLU H 85 7.45 -20.67 28.71
CA GLU H 85 8.41 -20.82 29.79
C GLU H 85 9.00 -19.48 30.20
N LEU H 86 9.25 -18.59 29.23
CA LEU H 86 9.78 -17.27 29.56
C LEU H 86 8.79 -16.46 30.38
N THR H 87 7.50 -16.59 30.08
CA THR H 87 6.48 -15.90 30.86
C THR H 87 6.46 -16.43 32.29
N GLU H 88 6.69 -17.73 32.46
CA GLU H 88 6.79 -18.30 33.81
C GLU H 88 8.00 -17.74 34.55
N LEU H 89 9.14 -17.62 33.85
CA LEU H 89 10.32 -17.05 34.46
C LEU H 89 10.13 -15.58 34.81
N LYS H 90 9.57 -14.80 33.87
CA LYS H 90 9.35 -13.38 34.13
C LYS H 90 8.34 -13.15 35.26
N THR H 91 7.40 -14.08 35.43
CA THR H 91 6.33 -13.86 36.41
C THR H 91 6.85 -13.98 37.83
N PHE H 92 7.76 -14.92 38.08
CA PHE H 92 8.22 -15.21 39.43
C PHE H 92 9.68 -14.81 39.64
N ALA H 93 10.18 -13.85 38.88
CA ALA H 93 11.55 -13.41 39.01
C ALA H 93 11.68 -12.35 40.11
N ASN H 94 12.90 -12.19 40.62
CA ASN H 94 13.21 -11.20 41.64
C ASN H 94 13.78 -9.96 40.93
N TYR H 95 13.05 -8.85 41.01
CA TYR H 95 13.40 -7.62 40.31
C TYR H 95 13.96 -6.56 41.26
N SER H 96 14.43 -6.97 42.45
CA SER H 96 14.86 -6.00 43.46
C SER H 96 16.00 -5.13 42.95
N THR H 97 16.86 -5.66 42.08
CA THR H 97 18.06 -4.94 41.65
C THR H 97 17.78 -3.84 40.63
N CYS H 98 16.54 -3.67 40.18
CA CYS H 98 16.27 -2.67 39.15
C CYS H 98 14.87 -2.08 39.27
N ASP H 99 14.04 -2.67 40.12
CA ASP H 99 12.67 -2.21 40.34
C ASP H 99 12.62 -1.54 41.72
N ARG H 100 12.91 -0.24 41.75
CA ARG H 100 13.02 0.47 43.02
C ARG H 100 11.66 0.75 43.65
N SER H 101 10.63 0.95 42.83
CA SER H 101 9.30 1.27 43.34
C SER H 101 8.46 0.02 43.57
N ASN H 102 9.05 -1.17 43.45
CA ASN H 102 8.34 -2.45 43.52
C ASN H 102 7.12 -2.44 42.60
N LEU H 103 7.38 -2.14 41.33
CA LEU H 103 6.33 -2.16 40.31
C LEU H 103 5.84 -3.58 40.06
N ALA H 104 6.70 -4.57 40.27
CA ALA H 104 6.33 -5.96 39.99
C ALA H 104 5.16 -6.41 40.86
N ASP H 105 5.22 -6.12 42.15
CA ASP H 105 4.15 -6.55 43.05
C ASP H 105 2.89 -5.71 42.89
N TRP H 106 2.99 -4.52 42.31
CA TRP H 106 1.79 -3.75 41.96
C TRP H 106 1.08 -4.41 40.77
N LEU H 107 1.83 -4.74 39.72
CA LEU H 107 1.27 -5.47 38.60
C LEU H 107 0.75 -6.84 39.03
N GLY H 108 1.53 -7.54 39.86
CA GLY H 108 1.15 -8.88 40.26
C GLY H 108 -0.12 -8.90 41.09
N SER H 109 -0.28 -7.93 42.00
CA SER H 109 -1.49 -7.86 42.81
C SER H 109 -2.73 -7.57 41.97
N LEU H 110 -2.55 -6.94 40.81
CA LEU H 110 -3.68 -6.70 39.91
C LEU H 110 -4.08 -7.96 39.15
N ASP H 111 -3.09 -8.74 38.69
CA ASP H 111 -3.30 -9.98 37.97
C ASP H 111 -1.98 -10.73 37.87
N PRO H 112 -1.95 -12.03 38.19
CA PRO H 112 -0.69 -12.78 38.15
C PRO H 112 0.01 -12.67 36.79
N ARG H 113 -0.78 -12.63 35.73
CA ARG H 113 -0.26 -12.58 34.37
C ARG H 113 0.45 -11.26 34.07
N PHE H 114 0.20 -10.22 34.88
CA PHE H 114 0.78 -8.91 34.63
C PHE H 114 2.19 -8.72 35.18
N ARG H 115 2.67 -9.61 36.05
CA ARG H 115 4.00 -9.40 36.63
C ARG H 115 5.12 -9.57 35.62
N GLN H 116 4.86 -10.26 34.51
CA GLN H 116 5.87 -10.48 33.49
C GLN H 116 6.31 -9.18 32.83
N TYR H 117 5.44 -8.17 32.81
CA TYR H 117 5.73 -6.91 32.13
C TYR H 117 6.63 -5.99 32.94
N THR H 118 7.14 -6.44 34.09
CA THR H 118 7.90 -5.56 34.96
C THR H 118 9.15 -5.03 34.28
N TYR H 119 9.97 -5.93 33.73
CA TYR H 119 11.25 -5.52 33.15
C TYR H 119 11.05 -4.59 31.96
N GLY H 120 10.01 -4.84 31.17
CA GLY H 120 9.73 -3.97 30.03
C GLY H 120 9.44 -2.53 30.43
N VAL H 122 10.24 -1.19 33.47
CA VAL H 122 11.37 -0.69 34.24
C VAL H 122 12.52 -0.28 33.32
N SER H 123 12.66 -0.95 32.16
CA SER H 123 13.76 -0.63 31.25
C SER H 123 13.61 0.75 30.64
N CYS H 124 12.38 1.20 30.39
CA CYS H 124 12.13 2.54 29.87
C CYS H 124 11.80 3.53 30.97
N GLY H 125 12.21 3.24 32.21
CA GLY H 125 12.18 4.23 33.28
C GLY H 125 10.84 4.47 33.95
N LEU H 126 9.91 3.52 33.87
CA LEU H 126 8.64 3.73 34.55
C LEU H 126 8.72 3.28 36.00
N ASP H 127 7.83 3.85 36.81
CA ASP H 127 7.64 3.44 38.20
C ASP H 127 6.20 3.74 38.58
N ARG H 128 5.89 3.52 39.86
CA ARG H 128 4.53 3.77 40.33
C ARG H 128 4.13 5.23 40.15
N SER H 129 5.08 6.15 40.38
CA SER H 129 4.79 7.57 40.26
C SER H 129 4.37 7.97 38.85
N LEU H 130 4.86 7.27 37.83
CA LEU H 130 4.65 7.67 36.44
C LEU H 130 3.55 6.88 35.74
N LEU H 131 2.97 5.87 36.40
CA LEU H 131 2.03 4.98 35.71
C LEU H 131 0.82 5.73 35.18
N HIS H 132 0.33 6.73 35.92
CA HIS H 132 -0.86 7.44 35.50
C HIS H 132 -0.62 8.30 34.27
N ARG H 133 0.62 8.51 33.86
CA ARG H 133 0.94 9.29 32.66
C ARG H 133 1.21 8.42 31.45
N VAL H 134 1.05 7.10 31.56
CA VAL H 134 1.36 6.20 30.46
C VAL H 134 0.12 6.00 29.62
N SER H 135 0.29 6.09 28.30
CA SER H 135 -0.80 5.86 27.35
C SER H 135 -0.75 4.42 26.86
N GLU H 136 -1.85 3.98 26.27
CA GLU H 136 -1.95 2.59 25.83
C GLU H 136 -0.99 2.31 24.67
N GLN H 137 -0.79 3.28 23.79
CA GLN H 137 0.19 3.10 22.71
C GLN H 137 1.60 3.01 23.25
N GLN H 138 1.93 3.75 24.31
CA GLN H 138 3.25 3.66 24.90
C GLN H 138 3.50 2.27 25.49
N LEU H 140 2.25 -0.50 24.34
CA LEU H 140 2.48 -1.38 23.21
C LEU H 140 3.86 -1.15 22.60
N GLU H 141 4.16 0.10 22.25
CA GLU H 141 5.38 0.38 21.50
C GLU H 141 6.62 0.28 22.39
N ASP H 142 6.54 0.73 23.64
CA ASP H 142 7.72 0.89 24.47
C ASP H 142 7.89 -0.22 25.51
N CYS H 143 6.80 -0.68 26.12
CA CYS H 143 6.88 -1.68 27.17
C CYS H 143 6.68 -3.11 26.67
N GLY H 144 6.08 -3.29 25.49
CA GLY H 144 5.90 -4.63 24.96
C GLY H 144 4.70 -5.39 25.49
N ILE H 145 3.64 -4.69 25.89
CA ILE H 145 2.41 -5.32 26.32
C ILE H 145 1.55 -5.51 25.07
N HIS H 146 1.57 -6.73 24.52
CA HIS H 146 0.94 -6.97 23.23
C HIS H 146 -0.56 -7.21 23.36
N LEU H 147 -1.01 -7.78 24.48
CA LEU H 147 -2.44 -8.05 24.67
C LEU H 147 -3.19 -6.75 24.98
N GLY H 148 -4.19 -6.44 24.15
CA GLY H 148 -4.95 -5.21 24.36
C GLY H 148 -5.73 -5.21 25.65
N VAL H 149 -6.30 -6.35 26.03
CA VAL H 149 -7.06 -6.44 27.28
C VAL H 149 -6.15 -6.14 28.46
N HIS H 150 -4.89 -6.57 28.39
CA HIS H 150 -3.94 -6.29 29.46
C HIS H 150 -3.64 -4.79 29.54
N ARG H 151 -3.40 -4.15 28.39
CA ARG H 151 -3.16 -2.72 28.39
C ARG H 151 -4.35 -1.95 28.94
N ALA H 152 -5.57 -2.38 28.60
CA ALA H 152 -6.76 -1.68 29.06
C ALA H 152 -6.94 -1.80 30.57
N ARG H 153 -6.61 -2.97 31.13
CA ARG H 153 -6.79 -3.17 32.56
C ARG H 153 -5.73 -2.42 33.36
N ILE H 154 -4.49 -2.42 32.87
CA ILE H 154 -3.42 -1.70 33.56
C ILE H 154 -3.65 -0.19 33.48
N LEU H 155 -4.10 0.29 32.33
CA LEU H 155 -4.40 1.72 32.19
C LEU H 155 -5.49 2.14 33.17
N THR H 156 -6.57 1.36 33.23
CA THR H 156 -7.65 1.67 34.16
C THR H 156 -7.17 1.68 35.60
N ALA H 157 -6.37 0.69 35.98
CA ALA H 157 -5.85 0.62 37.35
C ALA H 157 -4.90 1.78 37.64
N ALA H 158 -4.15 2.23 36.63
CA ALA H 158 -3.25 3.37 36.83
C ALA H 158 -4.02 4.65 37.10
N ARG H 159 -5.26 4.73 36.61
CA ARG H 159 -6.06 5.93 36.80
C ARG H 159 -6.74 5.93 38.17
N GLU H 160 -6.99 4.75 38.74
CA GLU H 160 -7.61 4.62 40.05
C GLU H 160 -6.59 4.73 41.19
#